data_2X6F
#
_entry.id   2X6F
#
_cell.length_a   112.070
_cell.length_b   155.140
_cell.length_c   244.530
_cell.angle_alpha   90.00
_cell.angle_beta   90.00
_cell.angle_gamma   90.00
#
_symmetry.space_group_name_H-M   'I 21 21 21'
#
loop_
_entity.id
_entity.type
_entity.pdbx_description
1 polymer 'PHOSPHOTIDYLINOSITOL 3 KINASE 59F'
2 non-polymer 6-AMINO-3-METHYLPURINE
#
_entity_poly.entity_id   1
_entity_poly.type   'polypeptide(L)'
_entity_poly.pdbx_seq_one_letter_code
;GSHMDSEIQMENLVERKHHRLARSERSGISDRDAKPTASIRDQLHTIVYRYPPTYVLSSEEQDLVWKFRFYLSSHKKALT
KFLKCINWKLEDEVTQALWMLANWAPMDVEDALELLSPTFTHPQVRKYAVSRLAQAPDEDLLLYLLQLVQALKYEDPRHI
VHLHGCIFPERDVVRSILDDNGSLLDQSSLSDLSATSSGLHASVIPANQRAASVLAAIKSDKSVSPGSAGGSGSGGQGSV
ALPNPSAPATPGSSSLPCDSNSNALMLAEGISFGSVPANLCTFLIQRACTNATLANYFYWYLSIEVEEVESVRKQDERAH
DMYAMVLKMFLKVLENGNFNLRGIFYNLRKQRRFIDELVKLVKLVAKEPGNRNKKTEKFQKLLAEQDMFKVNFTNFEPIP
FPLDPEIYITKIVPMRTSLFKSALMPAKLTFVTSIAHHEYAAIFKHGDDLRQDQLILQMITLMDKLLRRENLDLKLTPYK
VLATSSKHGFLQYVDSCTVAEVLAREGNIHNFFRKHHPCDNGPYGISAEVMDTYIKSCAGYCVITYLLGVGDRHLDNLLL
TTNGKLFHIDFGYILGRDPKPMPPPMKLSKEMVEAMGGISSEHHHEFRKQCYTAYLHLRRHANVMLNLFSLMVDATVPDI
ALEPDKAVKKVEENLQLGLTDEEAVQHLQSLLDVSITAVMPALVEQIHRFTQYWRK
;
_entity_poly.pdbx_strand_id   A,B
#
# COMPACT_ATOMS: atom_id res chain seq x y z
N ALA A 38 3.45 -11.64 -36.33
CA ALA A 38 4.83 -11.10 -36.18
C ALA A 38 5.48 -11.62 -34.91
N SER A 39 6.06 -10.69 -34.14
CA SER A 39 6.85 -11.00 -32.95
C SER A 39 6.19 -10.38 -31.71
N ILE A 40 5.45 -9.29 -31.90
CA ILE A 40 4.83 -8.55 -30.79
C ILE A 40 3.36 -8.98 -30.82
N ARG A 41 2.89 -9.35 -32.02
CA ARG A 41 1.48 -9.65 -32.24
C ARG A 41 1.13 -10.75 -31.26
N ASP A 42 2.06 -11.70 -31.09
CA ASP A 42 1.89 -12.84 -30.21
C ASP A 42 1.59 -12.34 -28.80
N GLN A 43 2.19 -11.21 -28.43
CA GLN A 43 2.17 -10.69 -27.06
C GLN A 43 0.85 -9.99 -26.79
N LEU A 44 0.27 -9.41 -27.84
CA LEU A 44 -0.97 -8.66 -27.73
C LEU A 44 -2.01 -9.75 -27.53
N HIS A 45 -1.73 -10.91 -28.11
CA HIS A 45 -2.64 -12.06 -28.16
C HIS A 45 -2.51 -12.83 -26.85
N THR A 46 -1.31 -12.89 -26.28
CA THR A 46 -1.10 -13.56 -24.98
C THR A 46 -1.82 -12.72 -23.94
N ILE A 47 -1.87 -11.41 -24.18
CA ILE A 47 -2.54 -10.43 -23.32
C ILE A 47 -4.05 -10.71 -23.41
N VAL A 48 -4.52 -11.10 -24.59
CA VAL A 48 -5.95 -11.28 -24.85
C VAL A 48 -6.37 -12.58 -24.18
N TYR A 49 -5.43 -13.52 -24.07
CA TYR A 49 -5.74 -14.91 -23.72
C TYR A 49 -5.82 -15.10 -22.19
N ARG A 50 -5.06 -14.31 -21.43
CA ARG A 50 -4.91 -14.56 -19.98
C ARG A 50 -5.93 -13.71 -19.25
N TYR A 51 -6.08 -12.48 -19.74
CA TYR A 51 -6.74 -11.43 -18.99
C TYR A 51 -8.23 -11.64 -18.72
N PRO A 52 -9.04 -11.77 -19.78
CA PRO A 52 -10.42 -12.09 -19.45
C PRO A 52 -10.93 -13.38 -20.05
N PRO A 53 -11.83 -14.08 -19.34
CA PRO A 53 -12.65 -15.16 -19.90
C PRO A 53 -14.01 -14.62 -20.29
N THR A 54 -14.39 -13.54 -19.60
CA THR A 54 -15.73 -12.99 -19.61
C THR A 54 -15.95 -11.93 -20.70
N TYR A 55 -14.92 -11.15 -21.00
CA TYR A 55 -15.06 -9.91 -21.75
C TYR A 55 -15.86 -9.98 -23.03
N VAL A 56 -16.72 -8.97 -23.18
CA VAL A 56 -17.31 -8.61 -24.45
C VAL A 56 -16.26 -7.79 -25.19
N LEU A 57 -15.19 -7.41 -24.48
CA LEU A 57 -14.11 -6.56 -24.99
C LEU A 57 -13.82 -6.81 -26.47
N SER A 58 -13.54 -8.07 -26.82
CA SER A 58 -13.22 -8.45 -28.19
C SER A 58 -14.20 -7.83 -29.22
N SER A 59 -13.65 -7.06 -30.17
CA SER A 59 -14.44 -6.35 -31.21
C SER A 59 -13.81 -6.32 -32.62
N GLU A 60 -12.56 -5.86 -32.72
CA GLU A 60 -11.76 -5.98 -33.94
C GLU A 60 -10.86 -7.20 -33.76
N GLU A 61 -10.55 -7.46 -32.49
CA GLU A 61 -9.53 -8.41 -32.06
C GLU A 61 -9.87 -9.81 -32.59
N GLN A 62 -11.15 -10.15 -32.59
CA GLN A 62 -11.62 -11.47 -33.01
C GLN A 62 -11.24 -11.68 -34.47
N ASP A 63 -11.24 -10.61 -35.26
CA ASP A 63 -10.99 -10.71 -36.69
C ASP A 63 -9.50 -10.91 -36.95
N LEU A 64 -8.65 -10.27 -36.14
CA LEU A 64 -7.21 -10.38 -36.32
C LEU A 64 -6.79 -11.73 -35.75
N VAL A 65 -7.49 -12.16 -34.71
CA VAL A 65 -7.16 -13.41 -34.00
C VAL A 65 -7.39 -14.52 -35.00
N TRP A 66 -8.42 -14.35 -35.82
CA TRP A 66 -8.88 -15.43 -36.67
C TRP A 66 -7.76 -15.86 -37.59
N LYS A 67 -7.02 -14.89 -38.12
CA LYS A 67 -6.03 -15.17 -39.16
C LYS A 67 -5.00 -16.12 -38.58
N PHE A 68 -4.85 -16.07 -37.27
CA PHE A 68 -3.78 -16.75 -36.57
C PHE A 68 -4.26 -18.12 -36.08
N ARG A 69 -5.59 -18.28 -36.01
CA ARG A 69 -6.23 -19.49 -35.50
C ARG A 69 -5.83 -20.69 -36.36
N PHE A 70 -5.74 -20.45 -37.68
CA PHE A 70 -5.48 -21.49 -38.70
C PHE A 70 -4.06 -22.00 -38.51
N TYR A 71 -3.21 -21.11 -37.99
CA TYR A 71 -1.77 -21.34 -37.89
C TYR A 71 -1.44 -21.86 -36.50
N LEU A 72 -1.92 -21.17 -35.46
CA LEU A 72 -1.63 -21.57 -34.08
C LEU A 72 -2.84 -21.63 -33.15
N SER A 73 -3.29 -22.86 -32.90
CA SER A 73 -4.14 -23.14 -31.77
C SER A 73 -3.18 -23.35 -30.60
N SER A 74 -2.43 -22.29 -30.29
CA SER A 74 -1.40 -22.31 -29.25
C SER A 74 -1.91 -22.97 -28.00
N HIS A 75 -3.02 -22.46 -27.49
CA HIS A 75 -3.46 -22.89 -26.19
C HIS A 75 -4.93 -23.21 -26.00
N LYS A 76 -5.16 -23.97 -24.93
CA LYS A 76 -6.47 -24.33 -24.42
C LYS A 76 -7.33 -23.10 -24.19
N LYS A 77 -6.71 -21.98 -23.79
CA LYS A 77 -7.44 -20.78 -23.43
C LYS A 77 -7.93 -20.21 -24.74
N ALA A 78 -7.13 -20.40 -25.79
CA ALA A 78 -7.37 -19.78 -27.07
C ALA A 78 -8.73 -20.22 -27.58
N LEU A 79 -9.11 -21.47 -27.30
CA LEU A 79 -10.31 -22.08 -27.88
C LEU A 79 -11.54 -21.29 -27.51
N THR A 80 -11.58 -20.76 -26.29
CA THR A 80 -12.78 -20.08 -25.78
C THR A 80 -12.85 -18.75 -26.52
N LYS A 81 -11.68 -18.20 -26.85
CA LYS A 81 -11.56 -16.87 -27.43
C LYS A 81 -11.96 -17.02 -28.89
N PHE A 82 -11.60 -18.15 -29.47
CA PHE A 82 -11.78 -18.41 -30.88
C PHE A 82 -13.29 -18.54 -31.09
N LEU A 83 -13.96 -19.21 -30.16
CA LEU A 83 -15.36 -19.58 -30.34
C LEU A 83 -16.25 -18.36 -30.50
N LYS A 84 -15.80 -17.22 -29.99
CA LYS A 84 -16.66 -16.07 -29.70
C LYS A 84 -17.18 -15.35 -30.95
N CYS A 85 -16.44 -15.46 -32.06
CA CYS A 85 -16.55 -14.53 -33.19
C CYS A 85 -17.41 -15.09 -34.33
N ILE A 86 -17.57 -16.40 -34.34
CA ILE A 86 -17.88 -17.09 -35.58
C ILE A 86 -19.37 -17.19 -35.84
N ASN A 87 -20.09 -17.66 -34.83
CA ASN A 87 -21.40 -18.27 -35.04
C ASN A 87 -22.47 -17.37 -35.65
N TRP A 88 -22.74 -16.23 -35.02
CA TRP A 88 -23.74 -15.28 -35.53
C TRP A 88 -23.83 -15.22 -37.06
N LYS A 89 -22.69 -14.94 -37.70
CA LYS A 89 -22.66 -14.61 -39.13
C LYS A 89 -22.78 -15.87 -39.99
N LEU A 90 -21.99 -15.93 -41.07
CA LEU A 90 -22.03 -17.05 -42.02
C LEU A 90 -22.16 -18.40 -41.36
N GLU A 91 -23.06 -19.20 -41.91
CA GLU A 91 -23.30 -20.57 -41.45
C GLU A 91 -22.14 -21.50 -41.81
N ASP A 92 -21.46 -21.19 -42.93
CA ASP A 92 -20.35 -21.99 -43.46
C ASP A 92 -19.16 -21.72 -42.54
N GLU A 93 -19.07 -20.47 -42.09
CA GLU A 93 -18.04 -19.99 -41.19
C GLU A 93 -18.03 -20.98 -40.02
N VAL A 94 -19.24 -21.45 -39.68
CA VAL A 94 -19.47 -22.37 -38.57
C VAL A 94 -18.75 -23.68 -38.88
N THR A 95 -18.75 -24.10 -40.14
CA THR A 95 -18.19 -25.41 -40.51
C THR A 95 -16.69 -25.32 -40.30
N GLN A 96 -16.11 -24.16 -40.57
CA GLN A 96 -14.66 -23.96 -40.54
C GLN A 96 -14.20 -23.96 -39.08
N ALA A 97 -15.02 -23.39 -38.22
CA ALA A 97 -14.69 -23.22 -36.81
C ALA A 97 -14.79 -24.60 -36.19
N LEU A 98 -15.71 -25.40 -36.72
CA LEU A 98 -16.06 -26.69 -36.15
C LEU A 98 -14.91 -27.63 -36.37
N TRP A 99 -14.27 -27.52 -37.53
CA TRP A 99 -13.19 -28.42 -37.90
C TRP A 99 -12.03 -28.01 -37.02
N MET A 100 -11.93 -26.71 -36.76
CA MET A 100 -10.80 -26.12 -36.05
C MET A 100 -10.75 -26.66 -34.64
N LEU A 101 -11.94 -26.84 -34.06
CA LEU A 101 -12.10 -27.17 -32.65
C LEU A 101 -11.79 -28.64 -32.47
N ALA A 102 -12.12 -29.43 -33.50
CA ALA A 102 -12.07 -30.89 -33.39
C ALA A 102 -10.62 -31.32 -33.13
N ASN A 103 -9.66 -30.54 -33.64
CA ASN A 103 -8.24 -30.91 -33.60
C ASN A 103 -7.50 -29.92 -32.71
N TRP A 104 -8.18 -28.84 -32.38
CA TRP A 104 -7.67 -27.83 -31.45
C TRP A 104 -7.18 -28.48 -30.17
N ALA A 105 -6.11 -27.92 -29.60
CA ALA A 105 -5.65 -28.28 -28.27
C ALA A 105 -6.86 -28.42 -27.33
N PRO A 106 -6.95 -29.55 -26.60
CA PRO A 106 -8.20 -29.85 -25.91
C PRO A 106 -8.43 -28.89 -24.75
N MET A 107 -9.69 -28.52 -24.53
CA MET A 107 -10.04 -27.49 -23.57
C MET A 107 -9.93 -28.01 -22.15
N ASP A 108 -9.57 -27.11 -21.24
CA ASP A 108 -9.63 -27.38 -19.82
C ASP A 108 -11.08 -27.35 -19.32
N VAL A 109 -11.41 -28.28 -18.42
CA VAL A 109 -12.76 -28.43 -17.85
C VAL A 109 -13.40 -27.10 -17.44
N GLU A 110 -12.62 -26.21 -16.83
CA GLU A 110 -13.12 -24.95 -16.26
C GLU A 110 -13.66 -24.09 -17.37
N ASP A 111 -13.05 -24.19 -18.55
CA ASP A 111 -13.38 -23.31 -19.66
C ASP A 111 -14.62 -23.89 -20.32
N ALA A 112 -14.74 -25.22 -20.25
CA ALA A 112 -15.82 -25.94 -20.91
C ALA A 112 -17.16 -25.44 -20.38
N LEU A 113 -17.19 -25.09 -19.10
CA LEU A 113 -18.40 -24.66 -18.38
C LEU A 113 -19.02 -23.47 -19.08
N GLU A 114 -18.16 -22.59 -19.57
CA GLU A 114 -18.55 -21.36 -20.23
C GLU A 114 -19.43 -21.78 -21.40
N LEU A 115 -19.16 -22.96 -21.94
CA LEU A 115 -19.78 -23.41 -23.18
C LEU A 115 -21.21 -23.87 -22.88
N LEU A 116 -21.44 -24.36 -21.67
CA LEU A 116 -22.74 -24.92 -21.32
C LEU A 116 -23.59 -23.69 -21.04
N SER A 117 -22.91 -22.63 -20.61
CA SER A 117 -23.52 -21.34 -20.35
C SER A 117 -24.36 -20.93 -21.53
N PRO A 118 -25.38 -20.10 -21.26
CA PRO A 118 -26.49 -19.77 -22.16
C PRO A 118 -26.08 -19.04 -23.45
N THR A 119 -25.04 -18.21 -23.36
CA THR A 119 -24.58 -17.39 -24.48
C THR A 119 -24.31 -18.16 -25.76
N PHE A 120 -23.85 -19.40 -25.63
CA PHE A 120 -23.56 -20.27 -26.79
C PHE A 120 -24.68 -21.27 -27.03
N THR A 121 -25.42 -21.07 -28.11
CA THR A 121 -26.58 -21.89 -28.42
C THR A 121 -26.22 -23.23 -29.06
N HIS A 122 -25.20 -23.23 -29.91
CA HIS A 122 -25.00 -24.30 -30.89
C HIS A 122 -24.66 -25.70 -30.32
N PRO A 123 -25.44 -26.72 -30.70
CA PRO A 123 -25.35 -28.16 -30.38
C PRO A 123 -24.00 -28.90 -30.47
N GLN A 124 -23.11 -28.53 -31.37
CA GLN A 124 -21.87 -29.30 -31.60
C GLN A 124 -20.87 -28.89 -30.55
N VAL A 125 -20.93 -27.64 -30.11
CA VAL A 125 -19.93 -27.10 -29.18
C VAL A 125 -20.27 -27.64 -27.78
N ARG A 126 -21.57 -27.85 -27.55
CA ARG A 126 -22.11 -28.26 -26.26
C ARG A 126 -21.71 -29.70 -26.06
N LYS A 127 -21.74 -30.46 -27.16
CA LYS A 127 -21.37 -31.87 -27.17
C LYS A 127 -19.90 -31.91 -26.78
N TYR A 128 -19.14 -30.90 -27.19
CA TYR A 128 -17.72 -30.86 -26.98
C TYR A 128 -17.51 -30.59 -25.50
N ALA A 129 -18.36 -29.75 -24.92
CA ALA A 129 -18.19 -29.32 -23.53
C ALA A 129 -18.37 -30.56 -22.67
N VAL A 130 -19.34 -31.39 -23.05
CA VAL A 130 -19.72 -32.58 -22.30
C VAL A 130 -18.59 -33.59 -22.39
N SER A 131 -17.92 -33.64 -23.55
CA SER A 131 -16.86 -34.63 -23.79
C SER A 131 -15.71 -34.26 -22.87
N ARG A 132 -15.53 -32.96 -22.64
CA ARG A 132 -14.42 -32.45 -21.83
C ARG A 132 -14.68 -32.80 -20.35
N LEU A 133 -15.95 -32.72 -19.95
CA LEU A 133 -16.37 -32.96 -18.58
C LEU A 133 -16.13 -34.43 -18.34
N ALA A 134 -16.37 -35.24 -19.36
CA ALA A 134 -16.37 -36.67 -19.22
C ALA A 134 -14.95 -37.07 -18.82
N GLN A 135 -13.95 -36.34 -19.32
CA GLN A 135 -12.58 -36.76 -19.11
C GLN A 135 -12.27 -36.44 -17.66
N ALA A 136 -12.84 -35.35 -17.16
CA ALA A 136 -12.66 -34.92 -15.76
C ALA A 136 -12.95 -36.04 -14.76
N PRO A 137 -12.13 -36.11 -13.69
CA PRO A 137 -12.34 -37.09 -12.63
C PRO A 137 -13.55 -36.68 -11.80
N ASP A 138 -14.17 -37.63 -11.11
CA ASP A 138 -15.44 -37.43 -10.40
C ASP A 138 -15.47 -36.31 -9.37
N GLU A 139 -14.39 -36.09 -8.64
CA GLU A 139 -14.39 -35.15 -7.51
C GLU A 139 -14.48 -33.71 -8.02
N ASP A 140 -13.76 -33.41 -9.09
CA ASP A 140 -13.75 -32.08 -9.65
C ASP A 140 -15.11 -32.00 -10.29
N LEU A 141 -15.59 -33.12 -10.79
CA LEU A 141 -16.85 -33.15 -11.48
C LEU A 141 -17.93 -32.83 -10.46
N LEU A 142 -17.74 -33.27 -9.22
CA LEU A 142 -18.78 -33.15 -8.17
C LEU A 142 -18.87 -31.70 -7.68
N LEU A 143 -17.73 -31.05 -7.61
CA LEU A 143 -17.65 -29.69 -7.08
C LEU A 143 -18.50 -28.80 -7.98
N TYR A 144 -18.47 -29.09 -9.27
CA TYR A 144 -19.16 -28.28 -10.26
C TYR A 144 -20.60 -28.72 -10.35
N LEU A 145 -20.90 -29.88 -9.77
CA LEU A 145 -22.15 -30.56 -10.07
C LEU A 145 -23.30 -29.59 -9.89
N LEU A 146 -23.23 -28.74 -8.87
CA LEU A 146 -24.35 -27.83 -8.55
C LEU A 146 -24.69 -26.93 -9.75
N GLN A 147 -23.67 -26.49 -10.47
CA GLN A 147 -23.83 -25.53 -11.54
C GLN A 147 -24.39 -26.25 -12.72
N LEU A 148 -24.12 -27.54 -12.81
CA LEU A 148 -24.45 -28.24 -14.02
C LEU A 148 -25.96 -28.31 -14.03
N VAL A 149 -26.56 -28.54 -12.88
CA VAL A 149 -27.99 -28.64 -12.78
C VAL A 149 -28.58 -27.33 -13.30
N GLN A 150 -27.95 -26.21 -12.96
CA GLN A 150 -28.36 -24.87 -13.38
C GLN A 150 -28.18 -24.77 -14.88
N ALA A 151 -27.09 -25.36 -15.38
CA ALA A 151 -26.69 -25.34 -16.78
C ALA A 151 -27.71 -26.14 -17.57
N LEU A 152 -28.32 -27.12 -16.90
CA LEU A 152 -29.22 -28.08 -17.51
C LEU A 152 -30.30 -27.28 -18.22
N LYS A 153 -30.59 -26.08 -17.71
CA LYS A 153 -31.74 -25.28 -18.18
C LYS A 153 -31.51 -24.88 -19.63
N TYR A 154 -30.24 -24.76 -20.00
CA TYR A 154 -29.90 -24.20 -21.29
C TYR A 154 -30.02 -25.15 -22.45
N GLU A 155 -29.71 -26.42 -22.24
CA GLU A 155 -29.90 -27.43 -23.26
C GLU A 155 -31.36 -27.50 -23.69
N ASP A 156 -31.61 -27.57 -25.00
CA ASP A 156 -33.00 -27.55 -25.51
C ASP A 156 -33.77 -28.74 -25.02
N PRO A 157 -35.06 -28.53 -24.72
CA PRO A 157 -35.88 -29.49 -24.00
C PRO A 157 -36.17 -30.69 -24.88
N ARG A 158 -36.27 -30.45 -26.19
CA ARG A 158 -36.60 -31.49 -27.15
C ARG A 158 -35.54 -32.59 -27.13
N HIS A 159 -34.28 -32.18 -26.98
CA HIS A 159 -33.17 -33.08 -26.65
C HIS A 159 -33.49 -33.92 -25.40
N ILE A 160 -34.12 -33.31 -24.41
CA ILE A 160 -34.44 -33.95 -23.13
C ILE A 160 -35.73 -34.74 -23.34
N VAL A 161 -36.66 -34.21 -24.14
CA VAL A 161 -37.99 -34.81 -24.28
C VAL A 161 -37.77 -36.13 -25.03
N HIS A 162 -36.77 -36.17 -25.90
CA HIS A 162 -36.55 -37.32 -26.76
C HIS A 162 -35.98 -38.45 -25.90
N LEU A 163 -35.18 -38.10 -24.91
CA LEU A 163 -34.53 -39.09 -24.05
C LEU A 163 -35.67 -39.65 -23.21
N HIS A 164 -36.60 -38.78 -22.82
CA HIS A 164 -37.71 -39.19 -21.98
C HIS A 164 -38.55 -40.15 -22.83
N GLY A 165 -38.63 -39.84 -24.12
CA GLY A 165 -39.53 -40.51 -25.05
C GLY A 165 -39.05 -41.93 -25.23
N CYS A 166 -37.73 -42.10 -25.24
CA CYS A 166 -37.10 -43.39 -25.50
C CYS A 166 -37.39 -44.33 -24.34
N ILE A 167 -37.44 -43.79 -23.13
CA ILE A 167 -37.50 -44.60 -21.91
C ILE A 167 -38.95 -44.85 -21.51
N PHE A 168 -39.81 -43.84 -21.69
CA PHE A 168 -41.15 -43.86 -21.09
C PHE A 168 -42.21 -44.74 -21.76
N PRO A 169 -42.48 -44.57 -23.07
CA PRO A 169 -43.35 -45.59 -23.69
C PRO A 169 -42.58 -46.57 -24.59
N ASN A 279 -24.35 -35.90 -25.49
CA ASN A 279 -25.28 -34.90 -24.92
C ASN A 279 -25.26 -34.85 -23.38
N LEU A 280 -25.17 -33.65 -22.79
CA LEU A 280 -25.02 -33.43 -21.33
C LEU A 280 -26.01 -34.10 -20.37
N CYS A 281 -27.29 -34.14 -20.71
CA CYS A 281 -28.30 -34.58 -19.74
C CYS A 281 -28.13 -36.08 -19.53
N THR A 282 -27.83 -36.76 -20.62
CA THR A 282 -27.61 -38.19 -20.62
C THR A 282 -26.35 -38.38 -19.79
N PHE A 283 -25.43 -37.42 -19.91
CA PHE A 283 -24.10 -37.57 -19.35
C PHE A 283 -24.19 -37.51 -17.85
N LEU A 284 -25.02 -36.60 -17.35
CA LEU A 284 -25.12 -36.38 -15.91
C LEU A 284 -25.70 -37.64 -15.29
N ILE A 285 -26.67 -38.25 -15.97
CA ILE A 285 -27.39 -39.37 -15.39
C ILE A 285 -26.45 -40.55 -15.47
N GLN A 286 -25.67 -40.65 -16.54
CA GLN A 286 -24.91 -41.86 -16.76
C GLN A 286 -23.94 -41.91 -15.60
N ARG A 287 -23.42 -40.74 -15.23
CA ARG A 287 -22.34 -40.62 -14.25
C ARG A 287 -22.91 -40.71 -12.85
N ALA A 288 -24.14 -40.20 -12.71
CA ALA A 288 -24.80 -40.09 -11.42
C ALA A 288 -24.97 -41.50 -10.97
N CYS A 289 -25.13 -42.39 -11.94
CA CYS A 289 -25.47 -43.78 -11.68
C CYS A 289 -24.21 -44.56 -11.32
N THR A 290 -23.06 -44.10 -11.80
CA THR A 290 -21.84 -44.89 -11.71
C THR A 290 -21.26 -44.80 -10.32
N ASN A 291 -21.57 -43.71 -9.64
CA ASN A 291 -21.05 -43.45 -8.31
C ASN A 291 -22.19 -43.02 -7.40
N ALA A 292 -22.26 -43.64 -6.23
CA ALA A 292 -23.37 -43.45 -5.30
C ALA A 292 -23.41 -42.04 -4.71
N THR A 293 -22.24 -41.50 -4.34
CA THR A 293 -22.18 -40.17 -3.72
C THR A 293 -22.63 -39.09 -4.71
N LEU A 294 -22.26 -39.27 -5.98
CA LEU A 294 -22.65 -38.39 -7.08
C LEU A 294 -24.14 -38.52 -7.32
N ALA A 295 -24.68 -39.72 -7.09
CA ALA A 295 -26.08 -40.01 -7.36
C ALA A 295 -26.85 -39.22 -6.33
N ASN A 296 -26.36 -39.30 -5.11
CA ASN A 296 -27.00 -38.70 -3.97
C ASN A 296 -27.07 -37.20 -4.15
N TYR A 297 -26.00 -36.60 -4.66
CA TYR A 297 -25.96 -35.16 -4.72
C TYR A 297 -26.85 -34.74 -5.88
N PHE A 298 -26.77 -35.48 -6.97
CA PHE A 298 -27.53 -35.19 -8.16
C PHE A 298 -28.99 -35.24 -7.75
N TYR A 299 -29.35 -36.20 -6.90
CA TYR A 299 -30.74 -36.41 -6.55
C TYR A 299 -31.24 -35.23 -5.73
N TRP A 300 -30.43 -34.76 -4.81
CA TRP A 300 -30.94 -33.76 -3.88
C TRP A 300 -31.10 -32.44 -4.59
N TYR A 301 -30.21 -32.15 -5.53
CA TYR A 301 -30.21 -30.89 -6.26
C TYR A 301 -31.42 -30.86 -7.15
N LEU A 302 -31.78 -32.01 -7.73
CA LEU A 302 -32.85 -32.07 -8.69
C LEU A 302 -34.14 -31.96 -7.90
N SER A 303 -34.17 -32.57 -6.72
CA SER A 303 -35.38 -32.69 -5.90
C SER A 303 -35.78 -31.31 -5.43
N ILE A 304 -34.80 -30.46 -5.14
CA ILE A 304 -35.06 -29.14 -4.60
C ILE A 304 -35.70 -28.38 -5.74
N GLU A 305 -35.30 -28.71 -6.97
CA GLU A 305 -35.66 -27.92 -8.16
C GLU A 305 -37.07 -28.23 -8.59
N VAL A 306 -37.50 -29.44 -8.27
CA VAL A 306 -38.72 -30.01 -8.79
C VAL A 306 -39.92 -29.43 -8.05
N GLU A 307 -39.82 -29.36 -6.72
CA GLU A 307 -40.90 -28.82 -5.89
C GLU A 307 -41.40 -27.46 -6.41
N GLU A 308 -42.72 -27.32 -6.46
CA GLU A 308 -43.40 -26.07 -6.77
C GLU A 308 -42.99 -24.91 -5.84
N GLN A 315 -41.97 -17.56 -16.06
CA GLN A 315 -40.84 -18.28 -16.64
C GLN A 315 -40.54 -19.57 -15.90
N ASP A 316 -40.65 -19.53 -14.57
CA ASP A 316 -40.32 -20.67 -13.70
C ASP A 316 -41.05 -21.95 -14.12
N GLU A 317 -42.29 -21.80 -14.57
CA GLU A 317 -43.18 -22.92 -14.94
C GLU A 317 -42.59 -23.91 -15.96
N ARG A 318 -41.79 -23.41 -16.91
CA ARG A 318 -41.29 -24.23 -18.02
C ARG A 318 -40.07 -24.98 -17.52
N ALA A 319 -39.34 -24.35 -16.61
CA ALA A 319 -38.09 -24.88 -16.07
C ALA A 319 -38.42 -25.96 -15.04
N HIS A 320 -39.52 -25.81 -14.32
CA HIS A 320 -39.94 -26.75 -13.27
C HIS A 320 -40.29 -28.06 -13.97
N ASP A 321 -40.96 -27.97 -15.11
CA ASP A 321 -41.45 -29.15 -15.83
C ASP A 321 -40.26 -29.90 -16.38
N MET A 322 -39.20 -29.17 -16.70
CA MET A 322 -38.03 -29.74 -17.35
C MET A 322 -37.30 -30.54 -16.30
N TYR A 323 -37.16 -29.98 -15.11
CA TYR A 323 -36.36 -30.58 -14.05
C TYR A 323 -37.08 -31.83 -13.58
N ALA A 324 -38.41 -31.77 -13.59
CA ALA A 324 -39.24 -32.82 -13.01
C ALA A 324 -39.04 -34.04 -13.88
N MET A 325 -38.90 -33.83 -15.18
CA MET A 325 -38.84 -34.92 -16.14
C MET A 325 -37.49 -35.60 -15.99
N VAL A 326 -36.46 -34.81 -15.67
CA VAL A 326 -35.10 -35.32 -15.59
C VAL A 326 -35.06 -36.23 -14.40
N LEU A 327 -35.79 -35.87 -13.35
CA LEU A 327 -35.66 -36.56 -12.07
C LEU A 327 -36.38 -37.88 -12.26
N LYS A 328 -37.48 -37.83 -12.99
CA LYS A 328 -38.38 -38.97 -13.14
C LYS A 328 -37.63 -40.00 -13.93
N MET A 329 -36.78 -39.51 -14.83
CA MET A 329 -36.00 -40.35 -15.73
C MET A 329 -34.88 -40.99 -14.92
N PHE A 330 -34.30 -40.23 -14.00
CA PHE A 330 -33.16 -40.66 -13.21
C PHE A 330 -33.64 -41.77 -12.28
N LEU A 331 -34.88 -41.65 -11.79
CA LEU A 331 -35.41 -42.60 -10.83
C LEU A 331 -35.79 -43.87 -11.57
N LYS A 332 -36.21 -43.73 -12.83
CA LYS A 332 -36.69 -44.86 -13.62
C LYS A 332 -35.48 -45.67 -14.06
N VAL A 333 -34.35 -45.00 -14.28
CA VAL A 333 -33.11 -45.64 -14.73
C VAL A 333 -32.57 -46.45 -13.56
N LEU A 334 -32.79 -46.01 -12.33
CA LEU A 334 -32.20 -46.65 -11.17
C LEU A 334 -33.00 -47.91 -10.87
N GLU A 335 -34.34 -47.79 -10.84
CA GLU A 335 -35.23 -48.92 -10.56
C GLU A 335 -34.98 -49.97 -11.63
N ASN A 336 -34.80 -49.51 -12.85
CA ASN A 336 -34.63 -50.39 -13.96
C ASN A 336 -33.21 -50.94 -14.00
N GLY A 337 -32.22 -50.42 -13.26
CA GLY A 337 -30.84 -50.62 -13.80
C GLY A 337 -30.21 -51.95 -13.44
N ASN A 338 -29.32 -52.08 -12.43
CA ASN A 338 -28.93 -53.48 -12.13
C ASN A 338 -28.93 -53.76 -10.65
N PHE A 339 -27.84 -53.65 -9.89
CA PHE A 339 -28.01 -53.91 -8.45
C PHE A 339 -27.64 -52.65 -7.83
N ASN A 340 -26.65 -52.03 -8.41
CA ASN A 340 -25.97 -50.95 -7.79
C ASN A 340 -26.86 -49.78 -8.10
N LEU A 341 -27.43 -49.82 -9.30
CA LEU A 341 -28.33 -48.78 -9.75
C LEU A 341 -29.55 -48.91 -8.84
N ARG A 342 -29.94 -50.13 -8.54
CA ARG A 342 -31.11 -50.39 -7.71
C ARG A 342 -30.72 -50.03 -6.30
N GLY A 343 -29.45 -50.25 -5.96
CA GLY A 343 -28.97 -50.17 -4.59
C GLY A 343 -29.08 -48.71 -4.25
N ILE A 344 -28.74 -47.90 -5.23
CA ILE A 344 -28.71 -46.46 -5.10
C ILE A 344 -30.15 -46.05 -4.93
N PHE A 345 -31.06 -46.70 -5.63
CA PHE A 345 -32.44 -46.25 -5.63
C PHE A 345 -32.98 -46.53 -4.26
N TYR A 346 -32.52 -47.61 -3.64
CA TYR A 346 -33.12 -48.05 -2.39
C TYR A 346 -32.67 -47.12 -1.29
N ASN A 347 -31.41 -46.67 -1.34
CA ASN A 347 -30.78 -45.88 -0.29
C ASN A 347 -31.38 -44.52 -0.36
N LEU A 348 -31.65 -44.06 -1.57
CA LEU A 348 -32.23 -42.75 -1.78
C LEU A 348 -33.61 -42.78 -1.15
N ARG A 349 -34.33 -43.88 -1.30
CA ARG A 349 -35.71 -44.01 -0.81
C ARG A 349 -35.69 -43.89 0.71
N LYS A 350 -34.64 -44.43 1.32
CA LYS A 350 -34.48 -44.48 2.78
C LYS A 350 -34.24 -43.08 3.25
N GLN A 351 -33.44 -42.31 2.50
CA GLN A 351 -33.00 -40.98 2.91
C GLN A 351 -34.21 -40.13 2.88
N ARG A 352 -35.02 -40.32 1.86
CA ARG A 352 -36.17 -39.48 1.60
C ARG A 352 -37.16 -39.73 2.74
N ARG A 353 -37.35 -40.98 3.14
CA ARG A 353 -38.38 -41.33 4.11
C ARG A 353 -37.96 -40.78 5.44
N PHE A 354 -36.66 -40.83 5.68
CA PHE A 354 -36.11 -40.54 7.00
C PHE A 354 -36.31 -39.08 7.31
N ILE A 355 -36.06 -38.23 6.31
CA ILE A 355 -36.07 -36.77 6.47
C ILE A 355 -37.48 -36.37 6.81
N ASP A 356 -38.45 -37.03 6.18
CA ASP A 356 -39.85 -36.65 6.24
C ASP A 356 -40.39 -36.80 7.64
N GLU A 357 -39.89 -37.81 8.32
CA GLU A 357 -40.31 -38.12 9.67
C GLU A 357 -39.57 -37.12 10.53
N LEU A 358 -38.34 -36.80 10.15
CA LEU A 358 -37.50 -35.92 10.95
C LEU A 358 -38.20 -34.59 10.91
N VAL A 359 -38.85 -34.29 9.80
CA VAL A 359 -39.48 -32.99 9.58
C VAL A 359 -40.76 -32.95 10.41
N LYS A 360 -41.48 -34.07 10.50
CA LYS A 360 -42.76 -34.13 11.21
C LYS A 360 -42.48 -33.79 12.64
N LEU A 361 -41.38 -34.33 13.15
CA LEU A 361 -41.02 -34.21 14.55
C LEU A 361 -40.66 -32.75 14.81
N VAL A 362 -39.89 -32.13 13.93
CA VAL A 362 -39.48 -30.75 14.16
C VAL A 362 -40.73 -29.89 14.22
N LYS A 363 -41.74 -30.23 13.42
CA LYS A 363 -42.93 -29.41 13.28
C LYS A 363 -43.74 -29.47 14.57
N LEU A 364 -43.65 -30.59 15.27
CA LEU A 364 -44.44 -30.83 16.47
C LEU A 364 -43.79 -29.95 17.53
N VAL A 365 -42.46 -29.89 17.50
CA VAL A 365 -41.66 -29.21 18.53
C VAL A 365 -41.92 -27.72 18.47
N ALA A 366 -42.11 -27.23 17.25
CA ALA A 366 -42.24 -25.81 16.96
C ALA A 366 -43.58 -25.32 17.49
N LYS A 367 -44.58 -26.20 17.45
CA LYS A 367 -45.95 -25.79 17.83
C LYS A 367 -45.95 -25.54 19.32
N GLU A 368 -45.47 -26.55 20.07
CA GLU A 368 -45.34 -26.50 21.53
C GLU A 368 -44.94 -25.14 22.06
N PRO A 369 -45.69 -24.62 23.05
CA PRO A 369 -45.31 -23.33 23.59
C PRO A 369 -44.06 -23.46 24.48
N GLY A 370 -43.19 -22.45 24.43
CA GLY A 370 -42.09 -22.36 25.39
C GLY A 370 -40.86 -21.66 24.87
N ASN A 371 -39.90 -21.43 25.76
CA ASN A 371 -38.56 -20.96 25.37
C ASN A 371 -37.74 -22.12 24.84
N ARG A 372 -36.50 -21.87 24.41
CA ARG A 372 -35.68 -22.91 23.77
C ARG A 372 -35.60 -24.17 24.61
N ASN A 373 -35.44 -24.03 25.92
CA ASN A 373 -35.19 -25.17 26.80
C ASN A 373 -36.40 -26.08 26.91
N LYS A 374 -37.57 -25.47 26.93
CA LYS A 374 -38.80 -26.20 27.04
C LYS A 374 -38.92 -27.00 25.75
N LYS A 375 -38.47 -26.40 24.65
CA LYS A 375 -38.65 -26.97 23.31
C LYS A 375 -37.64 -28.07 23.10
N THR A 376 -36.44 -27.90 23.62
CA THR A 376 -35.40 -28.92 23.43
C THR A 376 -35.74 -30.15 24.25
N GLU A 377 -36.35 -29.96 25.42
CA GLU A 377 -36.70 -31.06 26.35
C GLU A 377 -37.72 -31.91 25.58
N LYS A 378 -38.55 -31.22 24.79
CA LYS A 378 -39.68 -31.82 24.08
C LYS A 378 -39.11 -32.61 22.92
N PHE A 379 -38.04 -32.09 22.33
CA PHE A 379 -37.44 -32.65 21.13
C PHE A 379 -36.78 -33.91 21.58
N GLN A 380 -36.22 -33.86 22.79
CA GLN A 380 -35.45 -34.96 23.33
C GLN A 380 -36.41 -36.11 23.59
N LYS A 381 -37.66 -35.81 23.91
CA LYS A 381 -38.59 -36.85 24.35
C LYS A 381 -39.07 -37.54 23.10
N LEU A 382 -39.28 -36.80 22.02
CA LEU A 382 -39.92 -37.36 20.82
C LEU A 382 -39.00 -38.36 20.14
N LEU A 383 -37.72 -38.04 20.02
CA LEU A 383 -36.76 -38.94 19.35
C LEU A 383 -36.76 -40.23 20.12
N ALA A 384 -36.96 -40.10 21.43
CA ALA A 384 -36.75 -41.19 22.36
C ALA A 384 -38.02 -42.03 22.37
N GLU A 385 -39.16 -41.37 22.21
CA GLU A 385 -40.43 -42.04 21.96
C GLU A 385 -40.29 -42.85 20.71
N GLN A 386 -40.16 -44.17 20.88
CA GLN A 386 -40.20 -45.06 19.74
C GLN A 386 -41.60 -45.09 19.17
N ASP A 387 -41.70 -45.38 17.88
CA ASP A 387 -42.98 -45.79 17.32
C ASP A 387 -44.08 -44.72 17.25
N MET A 388 -43.75 -43.47 17.54
CA MET A 388 -44.66 -42.39 17.21
C MET A 388 -44.67 -42.23 15.71
N PHE A 389 -43.52 -42.53 15.10
CA PHE A 389 -43.25 -42.23 13.70
C PHE A 389 -42.89 -43.48 12.95
N LYS A 390 -42.96 -43.38 11.61
CA LYS A 390 -42.61 -44.43 10.65
C LYS A 390 -41.21 -44.97 10.86
N VAL A 391 -40.29 -44.04 11.09
CA VAL A 391 -38.92 -44.39 11.45
C VAL A 391 -38.78 -44.39 12.96
N ASN A 392 -38.08 -45.37 13.48
CA ASN A 392 -37.77 -45.36 14.89
C ASN A 392 -36.41 -44.67 15.09
N PHE A 393 -36.38 -43.51 15.74
CA PHE A 393 -35.16 -42.72 15.78
C PHE A 393 -34.05 -43.25 16.67
N THR A 394 -34.40 -43.94 17.75
CA THR A 394 -33.39 -44.52 18.64
C THR A 394 -32.66 -45.67 17.97
N ASN A 395 -33.33 -46.37 17.06
CA ASN A 395 -32.58 -47.18 16.12
C ASN A 395 -33.16 -47.12 14.70
N PHE A 396 -32.35 -47.24 13.65
CA PHE A 396 -32.95 -47.65 12.38
C PHE A 396 -32.08 -48.56 11.53
N GLU A 397 -32.64 -49.12 10.45
CA GLU A 397 -31.84 -49.58 9.32
C GLU A 397 -30.96 -48.49 8.76
N PRO A 398 -29.63 -48.76 8.64
CA PRO A 398 -28.60 -47.76 8.29
C PRO A 398 -28.91 -47.01 7.01
N ILE A 399 -28.69 -45.72 7.02
CA ILE A 399 -29.01 -44.89 5.87
C ILE A 399 -27.80 -44.04 5.62
N PRO A 400 -27.35 -43.97 4.36
CA PRO A 400 -26.26 -43.05 4.05
C PRO A 400 -26.67 -41.62 4.36
N PHE A 401 -25.90 -40.96 5.21
CA PHE A 401 -26.21 -39.59 5.56
C PHE A 401 -26.24 -38.80 4.26
N PRO A 402 -27.25 -37.95 4.08
CA PRO A 402 -27.24 -37.13 2.86
C PRO A 402 -26.02 -36.24 2.70
N LEU A 403 -25.48 -35.73 3.81
CA LEU A 403 -24.24 -34.92 3.80
C LEU A 403 -22.99 -35.74 3.47
N ASP A 404 -22.87 -36.94 4.03
CA ASP A 404 -21.91 -37.93 3.55
C ASP A 404 -22.57 -39.22 3.25
N PRO A 405 -22.65 -39.54 1.96
CA PRO A 405 -23.05 -40.87 1.55
C PRO A 405 -22.01 -41.84 2.09
N GLU A 406 -20.82 -41.31 2.38
CA GLU A 406 -19.73 -42.16 2.78
C GLU A 406 -19.99 -42.81 4.14
N ILE A 407 -20.76 -42.12 4.96
CA ILE A 407 -21.05 -42.56 6.33
C ILE A 407 -22.54 -42.88 6.50
N TYR A 408 -22.85 -44.05 7.04
CA TYR A 408 -24.26 -44.30 7.29
C TYR A 408 -24.67 -43.74 8.64
N ILE A 409 -25.95 -43.47 8.83
CA ILE A 409 -26.41 -43.31 10.20
C ILE A 409 -26.90 -44.61 10.80
N THR A 410 -27.69 -44.57 11.87
CA THR A 410 -28.27 -45.79 12.49
C THR A 410 -28.93 -45.44 13.81
N LYS A 411 -28.83 -44.22 14.32
CA LYS A 411 -29.16 -44.02 15.75
C LYS A 411 -29.28 -42.54 15.88
N ILE A 412 -29.98 -42.03 16.87
CA ILE A 412 -29.71 -40.68 17.29
C ILE A 412 -29.67 -40.77 18.79
N VAL A 413 -28.80 -39.99 19.41
CA VAL A 413 -28.85 -39.87 20.85
C VAL A 413 -29.71 -38.64 21.17
N PRO A 414 -30.90 -38.85 21.75
CA PRO A 414 -31.79 -37.76 22.14
C PRO A 414 -31.12 -36.84 23.13
N MET A 415 -30.36 -37.43 24.04
CA MET A 415 -29.72 -36.66 25.10
C MET A 415 -28.68 -35.70 24.61
N ARG A 416 -28.00 -36.04 23.52
CA ARG A 416 -26.96 -35.16 23.03
C ARG A 416 -27.51 -33.96 22.24
N THR A 417 -28.75 -34.06 21.80
CA THR A 417 -29.32 -33.02 20.93
C THR A 417 -29.54 -31.70 21.67
N SER A 418 -28.95 -30.62 21.16
CA SER A 418 -29.25 -29.28 21.69
C SER A 418 -29.86 -28.35 20.63
N LEU A 419 -30.31 -27.16 21.01
CA LEU A 419 -30.60 -26.14 20.00
C LEU A 419 -29.79 -24.87 20.14
N PHE A 420 -29.64 -24.17 19.03
CA PHE A 420 -28.88 -22.92 19.01
C PHE A 420 -29.66 -21.66 19.44
N LYS A 421 -28.90 -20.58 19.59
CA LYS A 421 -29.42 -19.25 19.92
C LYS A 421 -30.27 -18.66 18.78
N SER A 422 -29.79 -18.80 17.54
CA SER A 422 -30.39 -18.15 16.36
C SER A 422 -31.90 -18.36 16.18
N ALA A 423 -32.48 -17.40 15.46
CA ALA A 423 -33.89 -17.01 15.55
C ALA A 423 -34.91 -18.10 15.24
N LEU A 424 -34.69 -18.84 14.18
CA LEU A 424 -35.37 -20.12 14.05
C LEU A 424 -34.33 -21.11 14.51
N MET A 425 -34.72 -22.00 15.42
CA MET A 425 -33.74 -22.77 16.16
C MET A 425 -33.50 -24.13 15.59
N PRO A 426 -32.31 -24.33 15.02
CA PRO A 426 -31.88 -25.58 14.46
C PRO A 426 -31.50 -26.52 15.58
N ALA A 427 -31.73 -27.82 15.42
CA ALA A 427 -31.28 -28.67 16.46
C ALA A 427 -29.80 -28.89 16.20
N LYS A 428 -28.99 -29.31 17.18
CA LYS A 428 -27.84 -30.13 16.78
C LYS A 428 -28.43 -31.51 16.67
N LEU A 429 -27.87 -32.46 15.94
CA LEU A 429 -28.22 -33.83 16.30
C LEU A 429 -26.97 -34.59 16.56
N THR A 430 -27.02 -35.74 17.21
CA THR A 430 -25.90 -36.62 17.00
C THR A 430 -26.47 -37.88 16.44
N PHE A 431 -25.68 -38.65 15.70
CA PHE A 431 -26.06 -40.03 15.46
C PHE A 431 -24.96 -40.96 15.85
N VAL A 432 -25.19 -42.27 15.93
CA VAL A 432 -23.97 -43.05 15.79
C VAL A 432 -23.61 -43.18 14.30
N THR A 433 -22.34 -43.45 14.02
CA THR A 433 -21.93 -44.01 12.74
C THR A 433 -22.26 -45.47 12.68
N SER A 434 -22.34 -45.97 11.46
CA SER A 434 -22.58 -47.38 11.22
C SER A 434 -21.45 -48.19 11.84
N ILE A 435 -20.25 -47.60 11.93
CA ILE A 435 -19.10 -48.32 12.44
C ILE A 435 -18.65 -47.82 13.79
N ALA A 436 -18.33 -48.78 14.67
CA ALA A 436 -17.71 -48.55 16.00
C ALA A 436 -18.26 -47.34 16.77
N HIS A 437 -19.53 -47.02 16.51
CA HIS A 437 -20.33 -46.05 17.28
C HIS A 437 -19.91 -44.58 17.22
N HIS A 438 -18.81 -44.26 16.52
CA HIS A 438 -18.28 -42.89 16.44
C HIS A 438 -19.43 -42.01 16.15
N GLU A 439 -19.56 -40.93 16.90
CA GLU A 439 -20.71 -40.16 16.62
C GLU A 439 -20.46 -39.36 15.33
N TYR A 440 -21.48 -38.78 14.74
CA TYR A 440 -21.24 -37.66 13.86
C TYR A 440 -22.15 -36.63 14.48
N ALA A 441 -21.97 -35.33 14.34
CA ALA A 441 -23.19 -34.53 14.48
C ALA A 441 -23.45 -33.79 13.23
N ALA A 442 -24.69 -33.36 13.00
CA ALA A 442 -24.86 -32.22 12.11
C ALA A 442 -25.83 -31.21 12.68
N ILE A 443 -25.95 -30.05 12.07
CA ILE A 443 -27.10 -29.23 12.41
C ILE A 443 -28.29 -29.55 11.55
N PHE A 444 -29.46 -29.02 11.89
CA PHE A 444 -30.63 -29.11 11.02
C PHE A 444 -31.56 -27.95 11.18
N LYS A 445 -31.74 -27.20 10.09
CA LYS A 445 -32.47 -25.93 10.13
C LYS A 445 -33.88 -26.06 9.57
N HIS A 446 -34.83 -25.48 10.30
CA HIS A 446 -36.26 -25.62 10.00
C HIS A 446 -36.87 -24.40 9.32
N GLY A 447 -36.06 -23.39 9.01
CA GLY A 447 -36.62 -22.06 8.74
C GLY A 447 -36.35 -21.26 7.47
N ASP A 448 -35.49 -21.77 6.60
CA ASP A 448 -35.28 -21.06 5.34
C ASP A 448 -34.52 -21.83 4.24
N ASP A 449 -34.32 -21.11 3.14
CA ASP A 449 -33.70 -21.62 1.95
C ASP A 449 -32.20 -21.57 2.09
N LEU A 450 -31.58 -22.73 2.15
CA LEU A 450 -30.13 -22.82 2.34
C LEU A 450 -29.36 -22.59 1.05
N ARG A 451 -30.02 -22.76 -0.09
CA ARG A 451 -29.42 -22.63 -1.43
C ARG A 451 -28.31 -21.60 -1.55
N GLN A 452 -28.50 -20.44 -0.95
CA GLN A 452 -27.55 -19.35 -1.03
C GLN A 452 -26.29 -19.66 -0.22
N ASP A 453 -26.46 -20.31 0.92
CA ASP A 453 -25.36 -20.61 1.83
C ASP A 453 -24.54 -21.72 1.20
N GLN A 454 -25.19 -22.58 0.44
CA GLN A 454 -24.51 -23.75 -0.13
C GLN A 454 -23.65 -23.29 -1.27
N LEU A 455 -24.07 -22.26 -1.96
CA LEU A 455 -23.37 -21.80 -3.14
C LEU A 455 -22.12 -21.16 -2.57
N ILE A 456 -22.29 -20.45 -1.47
CA ILE A 456 -21.18 -19.68 -0.91
C ILE A 456 -20.18 -20.67 -0.39
N LEU A 457 -20.67 -21.77 0.18
CA LEU A 457 -19.76 -22.73 0.73
C LEU A 457 -19.05 -23.42 -0.40
N GLN A 458 -19.76 -23.73 -1.48
CA GLN A 458 -19.12 -24.36 -2.62
C GLN A 458 -17.99 -23.42 -3.04
N MET A 459 -18.27 -22.12 -3.00
CA MET A 459 -17.32 -21.12 -3.46
C MET A 459 -16.11 -21.11 -2.56
N ILE A 460 -16.33 -21.23 -1.26
CA ILE A 460 -15.21 -21.14 -0.34
C ILE A 460 -14.41 -22.42 -0.48
N THR A 461 -15.09 -23.54 -0.71
CA THR A 461 -14.39 -24.81 -0.70
C THR A 461 -13.41 -24.75 -1.88
N LEU A 462 -13.88 -24.19 -3.00
CA LEU A 462 -13.14 -24.25 -4.25
C LEU A 462 -11.94 -23.36 -4.11
N MET A 463 -12.14 -22.20 -3.48
CA MET A 463 -11.09 -21.18 -3.38
C MET A 463 -9.99 -21.75 -2.55
N ASP A 464 -10.37 -22.45 -1.50
CA ASP A 464 -9.44 -23.10 -0.62
C ASP A 464 -8.65 -24.10 -1.47
N LYS A 465 -9.34 -24.80 -2.38
CA LYS A 465 -8.74 -25.88 -3.18
C LYS A 465 -7.62 -25.28 -4.04
N LEU A 466 -7.86 -24.05 -4.51
CA LEU A 466 -6.96 -23.37 -5.45
C LEU A 466 -5.72 -22.91 -4.68
N LEU A 467 -5.91 -22.51 -3.45
CA LEU A 467 -4.86 -21.91 -2.66
C LEU A 467 -4.02 -23.04 -2.19
N ARG A 468 -4.62 -24.20 -1.99
CA ARG A 468 -3.87 -25.33 -1.46
C ARG A 468 -2.99 -25.80 -2.60
N ARG A 469 -3.51 -25.71 -3.82
CA ARG A 469 -2.78 -26.10 -5.03
C ARG A 469 -1.53 -25.23 -5.15
N GLU A 470 -1.66 -23.96 -4.76
CA GLU A 470 -0.53 -23.05 -4.77
C GLU A 470 0.33 -23.44 -3.61
N ASN A 471 -0.31 -23.90 -2.54
CA ASN A 471 0.39 -24.21 -1.31
C ASN A 471 0.30 -23.06 -0.29
N LEU A 472 -0.82 -22.37 -0.35
CA LEU A 472 -1.27 -21.52 0.74
C LEU A 472 -2.40 -22.27 1.44
N ASP A 473 -2.22 -22.49 2.74
CA ASP A 473 -3.16 -23.23 3.55
C ASP A 473 -3.50 -22.22 4.60
N LEU A 474 -4.64 -21.58 4.43
CA LEU A 474 -5.07 -20.58 5.39
C LEU A 474 -5.97 -21.20 6.46
N LYS A 475 -5.98 -22.53 6.51
CA LYS A 475 -6.71 -23.30 7.50
C LYS A 475 -8.20 -22.97 7.42
N LEU A 476 -8.68 -22.75 6.21
CA LEU A 476 -10.07 -22.43 6.07
C LEU A 476 -10.92 -23.61 6.51
N THR A 477 -12.14 -23.32 6.93
CA THR A 477 -13.11 -24.36 7.16
C THR A 477 -14.26 -24.16 6.19
N PRO A 478 -14.36 -25.05 5.22
CA PRO A 478 -15.42 -25.14 4.23
C PRO A 478 -16.32 -26.31 4.65
N TYR A 479 -17.20 -26.04 5.59
CA TYR A 479 -18.07 -27.08 6.13
C TYR A 479 -19.14 -27.40 5.12
N LYS A 480 -19.91 -28.45 5.34
CA LYS A 480 -20.79 -28.95 4.30
C LYS A 480 -22.18 -28.50 4.59
N VAL A 481 -22.83 -27.85 3.63
CA VAL A 481 -24.26 -27.73 3.73
C VAL A 481 -24.78 -28.64 2.66
N LEU A 482 -25.95 -29.24 2.80
CA LEU A 482 -26.73 -29.49 1.59
C LEU A 482 -28.02 -28.84 1.96
N ALA A 483 -28.81 -28.34 1.03
CA ALA A 483 -30.18 -28.17 1.46
C ALA A 483 -30.87 -29.48 1.25
N THR A 484 -31.86 -29.77 2.06
CA THR A 484 -32.93 -30.58 1.51
C THR A 484 -33.81 -29.60 0.79
N SER A 485 -34.88 -30.08 0.19
CA SER A 485 -35.93 -29.18 -0.26
C SER A 485 -36.12 -27.97 0.64
N SER A 486 -36.19 -26.80 0.01
CA SER A 486 -36.00 -25.51 0.67
C SER A 486 -36.79 -25.41 1.95
N LYS A 487 -36.15 -24.90 2.99
CA LYS A 487 -36.74 -24.76 4.34
C LYS A 487 -36.42 -25.92 5.31
N HIS A 488 -35.88 -27.03 4.80
CA HIS A 488 -35.13 -27.89 5.67
C HIS A 488 -33.71 -27.75 5.16
N GLY A 489 -32.71 -27.95 6.00
CA GLY A 489 -31.43 -28.35 5.45
C GLY A 489 -30.56 -29.14 6.38
N PHE A 490 -29.36 -29.54 5.96
CA PHE A 490 -28.40 -29.84 7.00
C PHE A 490 -27.19 -28.93 6.96
N LEU A 491 -26.43 -28.85 8.04
CA LEU A 491 -25.07 -28.35 7.90
C LEU A 491 -24.13 -29.15 8.79
N GLN A 492 -22.93 -29.43 8.28
CA GLN A 492 -21.90 -30.12 9.06
C GLN A 492 -21.65 -29.25 10.26
N TYR A 493 -21.41 -29.86 11.39
CA TYR A 493 -21.16 -29.10 12.58
C TYR A 493 -19.71 -29.24 12.91
N VAL A 494 -19.00 -28.12 12.94
CA VAL A 494 -17.60 -28.14 13.36
C VAL A 494 -17.54 -27.55 14.76
N ASP A 495 -16.68 -28.07 15.63
CA ASP A 495 -16.72 -27.56 16.99
C ASP A 495 -15.99 -26.26 17.07
N SER A 496 -16.66 -25.26 17.62
CA SER A 496 -16.30 -23.90 17.41
C SER A 496 -16.95 -23.21 18.55
N CYS A 497 -16.55 -21.97 18.82
CA CYS A 497 -17.31 -21.14 19.73
C CYS A 497 -17.46 -19.80 19.03
N THR A 498 -18.67 -19.25 19.00
CA THR A 498 -18.86 -17.93 18.38
C THR A 498 -18.05 -16.93 19.15
N VAL A 499 -17.48 -15.95 18.46
CA VAL A 499 -16.56 -14.99 19.08
C VAL A 499 -17.18 -14.29 20.27
N ALA A 500 -18.45 -13.91 20.15
CA ALA A 500 -19.09 -13.12 21.19
C ALA A 500 -19.11 -13.95 22.46
N GLU A 501 -19.34 -15.25 22.30
CA GLU A 501 -19.42 -16.19 23.41
C GLU A 501 -18.03 -16.26 24.01
N VAL A 502 -17.01 -16.17 23.17
CA VAL A 502 -15.65 -16.38 23.59
C VAL A 502 -15.25 -15.20 24.44
N LEU A 503 -15.72 -14.01 24.09
CA LEU A 503 -15.34 -12.76 24.75
C LEU A 503 -15.96 -12.74 26.12
N ALA A 504 -17.16 -13.31 26.24
CA ALA A 504 -17.89 -13.21 27.48
C ALA A 504 -17.35 -14.31 28.38
N ARG A 505 -17.04 -15.48 27.81
CA ARG A 505 -16.66 -16.63 28.64
C ARG A 505 -15.22 -16.43 29.12
N GLU A 506 -14.40 -15.84 28.26
CA GLU A 506 -13.06 -15.40 28.61
C GLU A 506 -12.90 -14.03 28.04
N GLY A 507 -12.38 -13.10 28.84
CA GLY A 507 -12.40 -11.66 28.50
C GLY A 507 -12.01 -11.22 27.10
N ASN A 508 -10.96 -11.84 26.57
CA ASN A 508 -10.42 -11.49 25.25
C ASN A 508 -9.95 -12.75 24.52
N ILE A 509 -9.93 -12.71 23.20
CA ILE A 509 -9.52 -13.88 22.39
C ILE A 509 -8.18 -14.44 22.82
N HIS A 510 -7.23 -13.59 23.19
CA HIS A 510 -5.89 -14.07 23.50
C HIS A 510 -5.98 -15.01 24.67
N ASN A 511 -6.77 -14.64 25.66
CA ASN A 511 -6.93 -15.41 26.88
C ASN A 511 -7.44 -16.78 26.48
N PHE A 512 -8.30 -16.80 25.47
CA PHE A 512 -9.07 -17.97 25.11
C PHE A 512 -8.18 -19.04 24.49
N PHE A 513 -7.25 -18.64 23.63
CA PHE A 513 -6.34 -19.57 22.97
C PHE A 513 -5.40 -20.03 24.03
N ARG A 514 -5.09 -19.10 24.93
CA ARG A 514 -4.04 -19.27 25.92
C ARG A 514 -4.46 -20.39 26.86
N LYS A 515 -5.76 -20.48 27.14
CA LYS A 515 -6.26 -21.44 28.10
C LYS A 515 -6.15 -22.83 27.49
N HIS A 516 -6.33 -22.94 26.18
CA HIS A 516 -6.38 -24.25 25.51
C HIS A 516 -4.99 -24.70 25.08
N HIS A 517 -4.11 -23.76 24.78
CA HIS A 517 -2.86 -24.11 24.13
C HIS A 517 -1.79 -23.21 24.66
N PRO A 518 -1.40 -23.39 25.93
CA PRO A 518 -0.52 -22.38 26.43
C PRO A 518 0.89 -22.88 26.48
N CYS A 519 1.80 -22.10 25.92
CA CYS A 519 3.23 -22.36 26.02
C CYS A 519 3.86 -21.09 26.53
N ASP A 520 4.46 -21.15 27.73
CA ASP A 520 4.98 -19.96 28.39
C ASP A 520 5.87 -19.02 27.56
N ASN A 521 6.59 -19.59 26.60
CA ASN A 521 7.61 -18.84 25.89
C ASN A 521 7.06 -17.90 24.83
N GLY A 522 6.37 -18.45 23.85
CA GLY A 522 6.00 -17.65 22.70
C GLY A 522 4.55 -17.82 22.28
N PRO A 523 4.04 -16.89 21.48
CA PRO A 523 4.59 -15.58 21.50
C PRO A 523 3.95 -14.91 22.70
N TYR A 524 2.72 -15.31 22.97
CA TYR A 524 1.92 -14.71 24.01
C TYR A 524 1.66 -15.72 25.07
N GLY A 525 2.62 -16.61 25.26
CA GLY A 525 2.38 -17.78 26.09
C GLY A 525 1.38 -18.69 25.40
N ILE A 526 1.00 -18.33 24.17
CA ILE A 526 0.10 -19.11 23.33
C ILE A 526 0.91 -19.83 22.29
N SER A 527 0.81 -21.16 22.24
CA SER A 527 1.58 -21.94 21.28
C SER A 527 1.52 -21.32 19.88
N ALA A 528 2.68 -21.23 19.24
CA ALA A 528 2.87 -20.46 18.01
C ALA A 528 1.97 -20.91 16.87
N GLU A 529 1.77 -22.21 16.74
CA GLU A 529 1.08 -22.69 15.57
C GLU A 529 -0.28 -22.06 15.63
N VAL A 530 -0.86 -22.02 16.82
CA VAL A 530 -2.24 -21.58 16.99
C VAL A 530 -2.31 -20.16 16.47
N MET A 531 -1.29 -19.38 16.76
CA MET A 531 -1.33 -17.97 16.44
C MET A 531 -1.29 -17.87 14.95
N ASP A 532 -0.50 -18.76 14.34
CA ASP A 532 -0.22 -18.65 12.95
C ASP A 532 -1.47 -19.06 12.22
N THR A 533 -2.19 -20.06 12.76
CA THR A 533 -3.37 -20.58 12.08
C THR A 533 -4.46 -19.53 12.23
N TYR A 534 -4.42 -18.76 13.31
CA TYR A 534 -5.47 -17.77 13.55
C TYR A 534 -5.24 -16.63 12.54
N ILE A 535 -3.97 -16.36 12.23
CA ILE A 535 -3.61 -15.24 11.40
C ILE A 535 -4.06 -15.60 10.00
N LYS A 536 -3.92 -16.86 9.67
CA LYS A 536 -4.12 -17.31 8.30
C LYS A 536 -5.62 -17.43 8.06
N SER A 537 -6.37 -17.88 9.07
CA SER A 537 -7.80 -18.08 8.93
C SER A 537 -8.30 -16.70 8.68
N CYS A 538 -7.68 -15.71 9.31
CA CYS A 538 -8.19 -14.35 9.23
C CYS A 538 -8.00 -13.79 7.84
N ALA A 539 -6.85 -14.06 7.22
CA ALA A 539 -6.53 -13.40 5.97
C ALA A 539 -7.44 -13.99 4.92
N GLY A 540 -7.58 -15.32 4.95
CA GLY A 540 -8.31 -16.07 3.96
C GLY A 540 -9.73 -15.55 3.96
N TYR A 541 -10.27 -15.32 5.14
CA TYR A 541 -11.66 -14.94 5.19
C TYR A 541 -11.93 -13.49 4.77
N CYS A 542 -11.03 -12.55 5.01
CA CYS A 542 -11.41 -11.16 4.76
C CYS A 542 -11.41 -11.07 3.29
N VAL A 543 -10.46 -11.75 2.67
CA VAL A 543 -10.24 -11.64 1.24
C VAL A 543 -11.47 -12.29 0.61
N ILE A 544 -11.86 -13.44 1.12
CA ILE A 544 -12.87 -14.25 0.46
C ILE A 544 -14.24 -13.64 0.65
N THR A 545 -14.53 -13.10 1.83
CA THR A 545 -15.84 -12.48 2.12
C THR A 545 -15.85 -11.21 1.28
N TYR A 546 -14.69 -10.62 1.04
CA TYR A 546 -14.61 -9.33 0.37
C TYR A 546 -14.91 -9.57 -1.12
N LEU A 547 -14.43 -10.68 -1.66
CA LEU A 547 -14.58 -10.96 -3.08
C LEU A 547 -16.04 -11.32 -3.30
N LEU A 548 -16.65 -11.88 -2.27
CA LEU A 548 -17.97 -12.46 -2.37
C LEU A 548 -18.99 -11.44 -1.91
N GLY A 549 -18.50 -10.39 -1.26
CA GLY A 549 -19.33 -9.32 -0.75
C GLY A 549 -20.23 -9.78 0.38
N VAL A 550 -19.74 -10.70 1.20
CA VAL A 550 -20.52 -11.18 2.34
C VAL A 550 -20.72 -9.98 3.23
N GLY A 551 -21.94 -9.82 3.74
CA GLY A 551 -22.28 -8.66 4.56
C GLY A 551 -23.02 -9.12 5.79
N ASP A 552 -23.42 -8.19 6.65
CA ASP A 552 -24.18 -8.53 7.85
C ASP A 552 -23.31 -9.40 8.77
N ARG A 553 -22.01 -9.14 8.77
CA ARG A 553 -21.10 -9.86 9.64
C ARG A 553 -21.16 -9.27 11.04
N HIS A 554 -21.26 -10.16 12.03
CA HIS A 554 -21.14 -9.75 13.43
C HIS A 554 -20.43 -10.77 14.30
N LEU A 555 -20.17 -10.42 15.54
CA LEU A 555 -19.55 -11.30 16.54
C LEU A 555 -20.32 -12.61 16.71
N ASP A 556 -21.64 -12.54 16.56
CA ASP A 556 -22.58 -13.67 16.65
C ASP A 556 -22.27 -14.60 15.47
N ASN A 557 -21.56 -14.04 14.50
CA ASN A 557 -21.49 -14.52 13.12
C ASN A 557 -20.15 -15.11 12.70
N LEU A 558 -19.06 -14.79 13.43
CA LEU A 558 -17.77 -15.41 13.14
C LEU A 558 -17.56 -16.51 14.15
N LEU A 559 -16.79 -17.56 13.89
CA LEU A 559 -16.36 -18.32 15.07
C LEU A 559 -14.88 -18.53 15.22
N LEU A 560 -14.47 -18.85 16.45
CA LEU A 560 -13.17 -19.45 16.64
C LEU A 560 -13.24 -20.93 16.88
N THR A 561 -12.10 -21.58 16.84
CA THR A 561 -12.00 -22.93 17.38
C THR A 561 -10.80 -23.03 18.30
N THR A 562 -10.74 -24.08 19.11
CA THR A 562 -9.66 -24.23 20.09
C THR A 562 -8.32 -24.17 19.35
N ASN A 563 -8.29 -24.86 18.23
CA ASN A 563 -7.17 -24.87 17.32
C ASN A 563 -6.63 -23.53 16.85
N GLY A 564 -7.43 -22.46 17.05
CA GLY A 564 -7.05 -21.25 16.39
C GLY A 564 -7.87 -20.79 15.20
N LYS A 565 -8.78 -21.57 14.60
CA LYS A 565 -9.00 -21.18 13.16
C LYS A 565 -10.03 -20.09 13.38
N LEU A 566 -10.19 -19.10 12.52
CA LEU A 566 -11.49 -18.41 12.58
C LEU A 566 -12.30 -18.83 11.39
N PHE A 567 -13.63 -18.89 11.49
CA PHE A 567 -14.36 -18.89 10.21
C PHE A 567 -15.71 -18.15 10.20
N HIS A 568 -16.30 -17.95 9.01
CA HIS A 568 -17.66 -17.44 9.01
C HIS A 568 -18.82 -18.42 8.94
N ILE A 569 -20.02 -17.86 8.97
CA ILE A 569 -21.27 -18.62 8.94
C ILE A 569 -22.45 -17.80 8.46
N ASP A 570 -23.56 -18.46 8.12
CA ASP A 570 -24.85 -17.78 7.93
C ASP A 570 -24.77 -16.67 6.90
N PHE A 571 -24.56 -17.06 5.65
CA PHE A 571 -24.39 -16.11 4.59
C PHE A 571 -25.74 -15.78 4.01
N GLY A 572 -26.50 -15.00 4.77
CA GLY A 572 -27.79 -14.50 4.30
C GLY A 572 -27.66 -13.26 3.45
N TYR A 573 -26.69 -12.40 3.79
CA TYR A 573 -26.45 -11.22 2.96
C TYR A 573 -25.17 -11.33 2.14
N ILE A 574 -25.32 -11.19 0.83
CA ILE A 574 -24.25 -11.51 -0.12
C ILE A 574 -24.10 -10.41 -1.13
N LEU A 575 -22.92 -10.30 -1.74
CA LEU A 575 -22.69 -9.35 -2.84
C LEU A 575 -23.04 -7.91 -2.49
N GLY A 576 -22.60 -7.46 -1.32
CA GLY A 576 -22.73 -6.07 -0.92
C GLY A 576 -24.14 -5.63 -0.56
N ARG A 577 -25.06 -6.59 -0.53
CA ARG A 577 -26.34 -6.37 0.09
C ARG A 577 -25.99 -6.22 1.56
N ASP A 578 -26.57 -5.23 2.22
CA ASP A 578 -26.40 -5.19 3.66
C ASP A 578 -27.68 -4.70 4.30
N PRO A 579 -27.94 -5.15 5.54
CA PRO A 579 -29.10 -4.64 6.25
C PRO A 579 -28.81 -3.21 6.71
N LYS A 580 -27.52 -2.86 6.75
CA LYS A 580 -27.03 -1.53 7.09
C LYS A 580 -26.61 -0.69 5.88
N PRO A 581 -26.49 0.64 6.08
CA PRO A 581 -26.04 1.64 5.11
C PRO A 581 -24.57 1.58 4.62
N MET A 582 -23.66 1.03 5.43
CA MET A 582 -22.22 1.06 5.06
C MET A 582 -21.48 -0.27 4.78
N PRO A 583 -20.21 -0.16 4.42
CA PRO A 583 -19.34 -1.31 4.52
C PRO A 583 -19.07 -1.51 5.99
N PRO A 584 -17.81 -1.52 6.47
CA PRO A 584 -16.47 -1.48 5.86
C PRO A 584 -16.19 -2.60 4.84
N PRO A 585 -15.43 -2.26 3.79
CA PRO A 585 -15.16 -3.21 2.71
C PRO A 585 -14.44 -4.45 3.27
N MET A 586 -13.69 -4.27 4.35
CA MET A 586 -13.11 -5.40 5.01
C MET A 586 -13.75 -5.62 6.39
N LYS A 587 -14.00 -6.86 6.79
CA LYS A 587 -14.65 -7.10 8.10
C LYS A 587 -13.69 -7.58 9.20
N LEU A 588 -13.22 -6.63 10.01
CA LEU A 588 -12.44 -7.00 11.20
C LEU A 588 -13.03 -6.34 12.41
N SER A 589 -13.48 -7.11 13.41
CA SER A 589 -13.86 -6.51 14.68
C SER A 589 -12.57 -6.05 15.33
N LYS A 590 -12.66 -5.13 16.27
CA LYS A 590 -11.49 -4.69 17.03
C LYS A 590 -10.96 -5.87 17.79
N GLU A 591 -11.91 -6.63 18.31
CA GLU A 591 -11.67 -7.76 19.17
C GLU A 591 -10.63 -8.65 18.50
N MET A 592 -10.69 -8.68 17.17
CA MET A 592 -9.91 -9.57 16.33
C MET A 592 -8.53 -8.95 16.10
N VAL A 593 -8.48 -7.64 16.01
CA VAL A 593 -7.25 -6.90 15.68
C VAL A 593 -6.38 -6.96 16.91
N GLU A 594 -7.00 -6.91 18.08
CA GLU A 594 -6.29 -6.98 19.34
C GLU A 594 -5.73 -8.40 19.42
N ALA A 595 -6.51 -9.34 18.91
CA ALA A 595 -6.18 -10.76 18.90
C ALA A 595 -4.88 -10.92 18.16
N MET A 596 -4.68 -10.03 17.19
CA MET A 596 -3.51 -10.03 16.35
C MET A 596 -2.38 -9.31 17.07
N GLY A 597 -2.75 -8.42 18.00
CA GLY A 597 -1.77 -7.66 18.77
C GLY A 597 -1.63 -6.23 18.29
N GLY A 598 -2.47 -5.80 17.36
CA GLY A 598 -2.47 -4.41 16.95
C GLY A 598 -1.41 -4.09 15.93
N ILE A 599 -1.47 -2.85 15.46
CA ILE A 599 -0.87 -2.41 14.19
C ILE A 599 0.57 -2.87 14.00
N SER A 600 1.41 -2.65 15.01
CA SER A 600 2.75 -3.21 15.00
C SER A 600 2.74 -4.52 15.78
N SER A 601 2.65 -5.60 15.03
CA SER A 601 2.91 -6.93 15.54
C SER A 601 3.67 -7.43 14.37
N GLU A 602 4.52 -8.42 14.57
CA GLU A 602 5.06 -9.21 13.46
C GLU A 602 3.81 -9.83 12.87
N HIS A 603 2.85 -10.11 13.74
CA HIS A 603 1.69 -10.90 13.44
C HIS A 603 0.68 -10.11 12.62
N HIS A 604 0.55 -8.83 12.87
CA HIS A 604 -0.48 -8.10 12.17
C HIS A 604 0.05 -7.86 10.79
N HIS A 605 1.36 -7.61 10.74
CA HIS A 605 2.04 -7.31 9.49
C HIS A 605 1.93 -8.60 8.66
N GLU A 606 2.02 -9.72 9.38
CA GLU A 606 2.04 -11.04 8.82
C GLU A 606 0.68 -11.28 8.19
N PHE A 607 -0.36 -10.76 8.83
CA PHE A 607 -1.72 -10.97 8.38
C PHE A 607 -1.94 -10.18 7.13
N ARG A 608 -1.42 -8.96 7.05
CA ARG A 608 -1.67 -8.12 5.88
C ARG A 608 -0.97 -8.78 4.72
N LYS A 609 0.21 -9.33 4.97
CA LYS A 609 1.06 -9.94 3.96
C LYS A 609 0.37 -11.19 3.41
N GLN A 610 -0.33 -11.89 4.27
CA GLN A 610 -1.00 -13.14 3.93
C GLN A 610 -2.18 -12.78 3.05
N CYS A 611 -2.83 -11.66 3.34
CA CYS A 611 -4.01 -11.23 2.62
C CYS A 611 -3.60 -10.90 1.21
N TYR A 612 -2.43 -10.30 1.04
CA TYR A 612 -2.04 -9.75 -0.26
C TYR A 612 -1.71 -10.91 -1.17
N THR A 613 -0.99 -11.90 -0.64
CA THR A 613 -0.55 -13.02 -1.49
C THR A 613 -1.82 -13.74 -1.90
N ALA A 614 -2.79 -13.79 -0.99
CA ALA A 614 -4.00 -14.58 -1.18
C ALA A 614 -4.79 -13.92 -2.28
N TYR A 615 -4.77 -12.59 -2.32
CA TYR A 615 -5.63 -11.84 -3.19
C TYR A 615 -5.15 -12.09 -4.57
N LEU A 616 -3.83 -12.06 -4.75
CA LEU A 616 -3.21 -12.16 -6.09
C LEU A 616 -3.48 -13.53 -6.66
N HIS A 617 -3.43 -14.55 -5.81
CA HIS A 617 -3.58 -15.92 -6.29
C HIS A 617 -4.97 -16.12 -6.78
N LEU A 618 -5.92 -15.45 -6.14
CA LEU A 618 -7.30 -15.71 -6.46
C LEU A 618 -7.50 -14.96 -7.75
N ARG A 619 -6.77 -13.85 -7.90
CA ARG A 619 -6.92 -12.99 -9.06
C ARG A 619 -6.60 -13.83 -10.29
N ARG A 620 -5.62 -14.71 -10.18
CA ARG A 620 -5.08 -15.47 -11.33
C ARG A 620 -6.12 -16.50 -11.79
N HIS A 621 -6.93 -16.95 -10.84
CA HIS A 621 -7.76 -18.11 -11.05
C HIS A 621 -9.18 -17.67 -11.27
N ALA A 622 -9.32 -16.40 -11.62
CA ALA A 622 -10.61 -15.74 -11.73
C ALA A 622 -11.56 -16.44 -12.69
N ASN A 623 -10.99 -16.95 -13.78
CA ASN A 623 -11.77 -17.60 -14.83
C ASN A 623 -12.80 -18.62 -14.37
N VAL A 624 -12.45 -19.42 -13.34
CA VAL A 624 -13.31 -20.53 -12.91
C VAL A 624 -14.44 -19.92 -12.12
N MET A 625 -14.13 -18.90 -11.33
CA MET A 625 -15.08 -18.35 -10.39
C MET A 625 -16.17 -17.64 -11.15
N LEU A 626 -15.77 -16.99 -12.24
CA LEU A 626 -16.69 -16.14 -13.00
C LEU A 626 -17.61 -17.02 -13.80
N ASN A 627 -17.10 -18.17 -14.22
CA ASN A 627 -17.81 -19.05 -15.13
C ASN A 627 -18.92 -19.67 -14.34
N LEU A 628 -18.65 -19.95 -13.07
CA LEU A 628 -19.59 -20.68 -12.21
C LEU A 628 -20.68 -19.71 -11.83
N PHE A 629 -20.34 -18.44 -11.65
CA PHE A 629 -21.29 -17.40 -11.26
C PHE A 629 -22.17 -17.11 -12.45
N SER A 630 -21.58 -17.10 -13.65
CA SER A 630 -22.34 -16.90 -14.87
C SER A 630 -23.39 -17.99 -14.94
N LEU A 631 -23.07 -19.17 -14.40
CA LEU A 631 -23.92 -20.33 -14.56
C LEU A 631 -25.10 -20.25 -13.60
N MET A 632 -24.93 -19.50 -12.51
CA MET A 632 -26.05 -19.23 -11.59
C MET A 632 -26.68 -17.86 -11.86
N VAL A 633 -26.93 -17.52 -13.12
CA VAL A 633 -27.74 -16.33 -13.41
C VAL A 633 -29.15 -16.63 -12.96
N ASP A 634 -29.60 -17.85 -13.24
CA ASP A 634 -31.00 -18.19 -13.12
C ASP A 634 -31.28 -18.93 -11.83
N ALA A 635 -30.49 -18.60 -10.82
CA ALA A 635 -30.21 -19.44 -9.66
C ALA A 635 -31.32 -19.66 -8.64
N THR A 636 -32.22 -18.70 -8.49
CA THR A 636 -33.16 -18.68 -7.34
C THR A 636 -32.42 -18.63 -5.97
N VAL A 637 -31.31 -17.90 -5.99
CA VAL A 637 -30.60 -17.48 -4.81
C VAL A 637 -30.90 -15.99 -4.67
N PRO A 638 -31.60 -15.60 -3.59
CA PRO A 638 -32.18 -14.26 -3.46
C PRO A 638 -31.27 -13.10 -3.83
N ASP A 639 -30.10 -13.01 -3.23
CA ASP A 639 -29.18 -11.88 -3.44
C ASP A 639 -28.80 -11.71 -4.92
N ILE A 640 -28.63 -12.83 -5.62
CA ILE A 640 -28.23 -12.84 -7.03
C ILE A 640 -29.44 -12.39 -7.82
N ALA A 641 -30.62 -12.72 -7.32
CA ALA A 641 -31.83 -12.58 -8.12
C ALA A 641 -32.29 -11.14 -8.20
N LEU A 642 -31.85 -10.30 -7.25
CA LEU A 642 -32.22 -8.88 -7.21
C LEU A 642 -31.91 -8.09 -8.50
N GLU A 643 -30.71 -8.31 -9.05
CA GLU A 643 -30.46 -8.06 -10.46
C GLU A 643 -29.53 -9.16 -10.91
N PRO A 644 -30.06 -10.18 -11.62
CA PRO A 644 -29.26 -11.32 -12.05
C PRO A 644 -27.96 -10.95 -12.77
N ASP A 645 -28.02 -10.03 -13.72
CA ASP A 645 -26.82 -9.67 -14.48
C ASP A 645 -25.76 -8.97 -13.63
N LYS A 646 -26.21 -8.07 -12.76
CA LYS A 646 -25.30 -7.29 -11.95
C LYS A 646 -24.45 -8.17 -11.04
N ALA A 647 -25.03 -9.27 -10.55
CA ALA A 647 -24.35 -10.25 -9.67
C ALA A 647 -22.99 -10.69 -10.18
N VAL A 648 -22.87 -10.92 -11.48
CA VAL A 648 -21.66 -11.47 -12.08
C VAL A 648 -20.66 -10.34 -12.20
N LYS A 649 -21.15 -9.14 -12.50
CA LYS A 649 -20.31 -7.98 -12.74
C LYS A 649 -19.70 -7.56 -11.41
N LYS A 650 -20.41 -7.84 -10.32
CA LYS A 650 -20.12 -7.34 -8.96
C LYS A 650 -18.95 -8.12 -8.37
N VAL A 651 -18.88 -9.42 -8.67
CA VAL A 651 -17.85 -10.29 -8.12
C VAL A 651 -16.61 -9.97 -8.92
N GLU A 652 -16.83 -9.59 -10.17
CA GLU A 652 -15.76 -9.37 -11.13
C GLU A 652 -15.10 -8.06 -10.75
N GLU A 653 -15.90 -7.12 -10.24
CA GLU A 653 -15.45 -5.76 -10.01
C GLU A 653 -14.62 -5.83 -8.75
N ASN A 654 -15.07 -6.64 -7.79
CA ASN A 654 -14.37 -6.81 -6.54
C ASN A 654 -12.99 -7.35 -6.86
N LEU A 655 -12.88 -7.92 -8.05
CA LEU A 655 -11.70 -8.67 -8.40
C LEU A 655 -10.54 -7.77 -8.82
N GLN A 656 -10.84 -6.60 -9.37
CA GLN A 656 -9.81 -5.63 -9.76
C GLN A 656 -8.87 -6.09 -10.87
N LEU A 657 -9.38 -6.96 -11.73
CA LEU A 657 -8.60 -7.57 -12.81
C LEU A 657 -7.89 -6.55 -13.71
N GLY A 658 -8.43 -5.34 -13.81
CA GLY A 658 -7.84 -4.27 -14.60
C GLY A 658 -6.46 -3.95 -14.09
N LEU A 659 -6.37 -3.69 -12.79
CA LEU A 659 -5.13 -3.24 -12.16
C LEU A 659 -3.95 -4.18 -12.33
N THR A 660 -2.76 -3.60 -12.37
CA THR A 660 -1.53 -4.35 -12.19
C THR A 660 -1.47 -4.76 -10.73
N ASP A 661 -0.79 -5.85 -10.44
CA ASP A 661 -0.68 -6.39 -9.09
C ASP A 661 -0.20 -5.39 -8.07
N GLU A 662 0.81 -4.61 -8.43
CA GLU A 662 1.42 -3.66 -7.50
C GLU A 662 0.29 -2.72 -7.09
N GLU A 663 -0.57 -2.38 -8.08
CA GLU A 663 -1.72 -1.49 -7.91
C GLU A 663 -2.83 -2.21 -7.15
N ALA A 664 -2.92 -3.53 -7.33
CA ALA A 664 -4.02 -4.34 -6.80
C ALA A 664 -3.77 -4.41 -5.30
N VAL A 665 -2.52 -4.57 -4.92
CA VAL A 665 -2.13 -4.71 -3.52
C VAL A 665 -2.34 -3.35 -2.90
N GLN A 666 -2.11 -2.28 -3.66
CA GLN A 666 -2.26 -0.93 -3.11
C GLN A 666 -3.74 -0.71 -2.87
N HIS A 667 -4.56 -1.30 -3.74
CA HIS A 667 -6.00 -1.11 -3.68
C HIS A 667 -6.55 -1.87 -2.47
N LEU A 668 -5.98 -3.04 -2.18
CA LEU A 668 -6.49 -3.90 -1.11
C LEU A 668 -5.99 -3.31 0.19
N GLN A 669 -4.79 -2.76 0.14
CA GLN A 669 -4.14 -2.26 1.33
C GLN A 669 -5.01 -1.12 1.79
N SER A 670 -5.57 -0.39 0.83
CA SER A 670 -6.30 0.85 1.08
C SER A 670 -7.57 0.52 1.82
N LEU A 671 -8.25 -0.55 1.39
CA LEU A 671 -9.53 -0.99 1.93
C LEU A 671 -9.30 -1.49 3.32
N LEU A 672 -8.16 -2.13 3.55
CA LEU A 672 -7.87 -2.69 4.85
C LEU A 672 -7.64 -1.55 5.82
N ASP A 673 -7.05 -0.46 5.35
CA ASP A 673 -6.57 0.60 6.22
C ASP A 673 -7.73 1.40 6.79
N VAL A 674 -8.79 1.60 6.00
CA VAL A 674 -9.91 2.42 6.47
C VAL A 674 -10.63 1.55 7.45
N SER A 675 -10.67 0.25 7.19
CA SER A 675 -11.52 -0.67 7.94
C SER A 675 -10.90 -0.81 9.33
N ILE A 676 -9.58 -0.89 9.41
CA ILE A 676 -8.90 -1.10 10.70
C ILE A 676 -8.90 0.21 11.52
N THR A 677 -8.83 1.36 10.86
CA THR A 677 -8.71 2.63 11.57
C THR A 677 -10.04 2.89 12.28
N ALA A 678 -11.13 2.46 11.66
CA ALA A 678 -12.44 2.82 12.16
C ALA A 678 -12.73 1.91 13.36
N VAL A 679 -12.20 0.70 13.29
CA VAL A 679 -12.37 -0.31 14.30
C VAL A 679 -11.55 -0.07 15.58
N MET A 680 -10.37 0.53 15.44
CA MET A 680 -9.50 0.82 16.57
C MET A 680 -9.71 2.24 17.10
N PRO A 681 -9.90 2.40 18.43
CA PRO A 681 -10.26 3.69 19.02
C PRO A 681 -9.11 4.71 19.02
N ALA A 682 -7.88 4.22 19.20
CA ALA A 682 -6.67 5.03 19.26
C ALA A 682 -6.42 5.73 17.94
N LEU A 683 -6.79 5.07 16.84
CA LEU A 683 -6.48 5.51 15.48
C LEU A 683 -7.43 6.63 15.13
N VAL A 684 -8.66 6.55 15.63
CA VAL A 684 -9.69 7.53 15.31
C VAL A 684 -9.22 8.82 15.98
N GLU A 685 -8.55 8.69 17.13
CA GLU A 685 -8.15 9.86 17.93
C GLU A 685 -6.97 10.48 17.21
N GLN A 686 -6.10 9.65 16.66
CA GLN A 686 -4.91 10.11 15.96
C GLN A 686 -5.44 10.95 14.81
N ILE A 687 -6.51 10.52 14.17
CA ILE A 687 -7.04 11.23 12.99
C ILE A 687 -7.62 12.54 13.45
N HIS A 688 -8.18 12.58 14.65
CA HIS A 688 -8.86 13.77 15.16
C HIS A 688 -7.80 14.80 15.43
N ARG A 689 -6.64 14.35 15.90
CA ARG A 689 -5.54 15.25 16.25
C ARG A 689 -5.02 15.86 14.97
N PHE A 690 -5.06 15.10 13.87
CA PHE A 690 -4.48 15.52 12.61
C PHE A 690 -5.40 16.59 12.04
N THR A 691 -6.71 16.45 12.27
CA THR A 691 -7.71 17.37 11.72
C THR A 691 -7.47 18.65 12.50
N GLN A 692 -7.04 18.49 13.75
CA GLN A 692 -7.01 19.59 14.72
C GLN A 692 -5.82 20.48 14.42
N TYR A 693 -4.73 19.85 13.98
CA TYR A 693 -3.49 20.51 13.57
C TYR A 693 -3.69 21.71 12.65
N TRP A 694 -4.55 21.57 11.64
CA TRP A 694 -4.67 22.60 10.60
C TRP A 694 -5.55 23.80 10.95
N ARG A 695 -6.70 23.56 11.54
CA ARG A 695 -7.70 24.60 11.68
C ARG A 695 -8.34 24.63 13.08
N ALA B 38 31.41 -18.44 -6.83
CA ALA B 38 30.06 -18.84 -7.30
C ALA B 38 29.36 -17.67 -7.97
N SER B 39 28.43 -17.97 -8.87
CA SER B 39 27.65 -16.95 -9.60
C SER B 39 26.61 -16.27 -8.71
N ILE B 40 26.10 -17.01 -7.71
CA ILE B 40 25.08 -16.50 -6.78
C ILE B 40 25.68 -15.48 -5.79
N ARG B 41 26.89 -15.76 -5.31
CA ARG B 41 27.59 -14.86 -4.36
C ARG B 41 27.69 -13.44 -4.91
N ASP B 42 27.68 -13.34 -6.24
CA ASP B 42 27.70 -12.06 -6.96
C ASP B 42 26.46 -11.23 -6.66
N GLN B 43 25.30 -11.88 -6.60
CA GLN B 43 24.02 -11.21 -6.27
C GLN B 43 24.02 -10.72 -4.82
N LEU B 44 24.76 -11.41 -3.96
CA LEU B 44 24.85 -11.04 -2.56
C LEU B 44 25.89 -9.94 -2.43
N HIS B 45 26.89 -9.95 -3.31
CA HIS B 45 27.82 -8.83 -3.40
C HIS B 45 27.10 -7.62 -3.97
N THR B 46 26.30 -7.83 -5.02
CA THR B 46 25.49 -6.77 -5.65
C THR B 46 24.63 -6.10 -4.60
N ILE B 47 24.21 -6.91 -3.63
CA ILE B 47 23.40 -6.53 -2.50
C ILE B 47 24.17 -5.50 -1.64
N VAL B 48 25.39 -5.86 -1.24
CA VAL B 48 26.18 -5.06 -0.29
C VAL B 48 26.68 -3.73 -0.86
N TYR B 49 27.12 -3.73 -2.11
CA TYR B 49 27.63 -2.50 -2.71
C TYR B 49 26.51 -1.47 -2.91
N ARG B 50 25.30 -1.94 -3.23
CA ARG B 50 24.16 -1.06 -3.50
C ARG B 50 23.40 -0.62 -2.25
N TYR B 51 23.28 -1.50 -1.27
CA TYR B 51 22.30 -1.30 -0.18
C TYR B 51 22.62 -0.26 0.89
N PRO B 52 23.84 -0.27 1.44
CA PRO B 52 23.98 0.67 2.53
C PRO B 52 24.98 1.79 2.32
N PRO B 53 24.76 2.91 3.02
CA PRO B 53 25.80 3.88 3.33
C PRO B 53 26.15 3.81 4.82
N THR B 54 25.47 2.91 5.53
CA THR B 54 25.38 2.98 6.99
C THR B 54 25.62 1.67 7.76
N TYR B 55 25.70 0.54 7.05
CA TYR B 55 25.86 -0.79 7.66
C TYR B 55 26.85 -0.85 8.82
N VAL B 56 26.43 -1.51 9.89
CA VAL B 56 27.33 -2.02 10.91
C VAL B 56 27.41 -3.52 10.67
N LEU B 57 26.37 -4.04 10.01
CA LEU B 57 26.02 -5.46 9.98
C LEU B 57 27.16 -6.44 9.63
N SER B 58 27.10 -7.60 10.29
CA SER B 58 28.05 -8.70 10.13
C SER B 58 29.51 -8.26 10.18
N SER B 59 29.97 -7.92 11.38
CA SER B 59 31.39 -7.75 11.65
C SER B 59 32.00 -9.13 11.83
N GLU B 60 31.56 -10.06 10.98
CA GLU B 60 32.01 -11.44 10.94
C GLU B 60 32.15 -11.80 9.47
N GLU B 61 31.13 -11.43 8.69
CA GLU B 61 31.15 -11.52 7.24
C GLU B 61 32.05 -10.43 6.65
N GLN B 62 32.30 -9.38 7.43
CA GLN B 62 33.08 -8.21 6.98
C GLN B 62 34.36 -8.56 6.22
N ASP B 63 34.87 -9.78 6.45
CA ASP B 63 36.09 -10.26 5.79
C ASP B 63 35.87 -11.23 4.61
N LEU B 64 34.62 -11.65 4.38
CA LEU B 64 34.29 -12.45 3.20
C LEU B 64 34.47 -11.59 1.96
N VAL B 65 34.11 -10.33 2.09
CA VAL B 65 34.27 -9.33 1.05
C VAL B 65 35.76 -9.25 0.73
N TRP B 66 36.56 -9.06 1.77
CA TRP B 66 38.02 -9.06 1.69
C TRP B 66 38.57 -10.19 0.81
N LYS B 67 37.94 -11.36 0.88
CA LYS B 67 38.41 -12.53 0.14
C LYS B 67 38.15 -12.42 -1.38
N PHE B 68 37.00 -11.89 -1.76
CA PHE B 68 36.66 -11.75 -3.19
C PHE B 68 36.98 -10.37 -3.79
N ARG B 69 37.39 -9.43 -2.92
CA ARG B 69 37.68 -8.05 -3.34
C ARG B 69 38.94 -7.90 -4.17
N PHE B 70 39.93 -8.74 -3.88
CA PHE B 70 41.20 -8.74 -4.60
C PHE B 70 40.96 -8.82 -6.11
N TYR B 71 40.04 -9.69 -6.52
CA TYR B 71 39.63 -9.78 -7.92
C TYR B 71 38.54 -8.74 -8.20
N LEU B 72 37.52 -8.69 -7.35
CA LEU B 72 36.41 -7.75 -7.55
C LEU B 72 36.64 -6.38 -6.91
N SER B 73 37.81 -5.80 -7.20
CA SER B 73 38.02 -4.37 -7.07
C SER B 73 37.23 -3.74 -8.23
N SER B 74 36.03 -4.29 -8.42
CA SER B 74 35.26 -4.14 -9.64
C SER B 74 35.06 -2.69 -9.99
N HIS B 75 34.22 -2.03 -9.21
CA HIS B 75 33.81 -0.69 -9.52
C HIS B 75 33.88 0.18 -8.27
N LYS B 76 33.51 1.44 -8.46
CA LYS B 76 33.73 2.52 -7.51
C LYS B 76 33.23 2.21 -6.10
N LYS B 77 31.96 1.81 -5.98
CA LYS B 77 31.27 1.78 -4.68
C LYS B 77 31.90 0.80 -3.73
N ALA B 78 32.33 -0.33 -4.27
CA ALA B 78 32.93 -1.36 -3.47
C ALA B 78 33.89 -0.75 -2.45
N LEU B 79 34.84 0.05 -2.90
CA LEU B 79 35.95 0.47 -2.04
C LEU B 79 35.55 1.04 -0.67
N THR B 80 34.49 1.84 -0.61
CA THR B 80 34.10 2.45 0.69
C THR B 80 33.74 1.34 1.65
N LYS B 81 32.99 0.36 1.17
CA LYS B 81 32.57 -0.77 1.99
C LYS B 81 33.79 -1.51 2.50
N PHE B 82 34.78 -1.66 1.61
CA PHE B 82 36.05 -2.36 1.86
C PHE B 82 36.77 -1.81 3.06
N LEU B 83 36.95 -0.50 3.08
CA LEU B 83 37.76 0.15 4.10
C LEU B 83 37.20 0.00 5.50
N LYS B 84 35.90 -0.21 5.61
CA LYS B 84 35.18 -0.18 6.90
C LYS B 84 35.60 -1.27 7.90
N CYS B 85 36.24 -2.34 7.41
CA CYS B 85 36.37 -3.59 8.17
C CYS B 85 37.80 -3.99 8.49
N ILE B 86 38.69 -3.86 7.50
CA ILE B 86 40.10 -4.24 7.64
C ILE B 86 40.77 -3.36 8.68
N ASN B 87 40.30 -2.11 8.73
CA ASN B 87 40.82 -1.07 9.60
C ASN B 87 40.63 -1.42 11.07
N TRP B 88 39.51 -2.07 11.40
CA TRP B 88 39.24 -2.46 12.78
C TRP B 88 40.37 -3.29 13.39
N LYS B 89 40.90 -4.26 12.64
CA LYS B 89 42.14 -4.90 13.06
C LYS B 89 43.32 -3.99 12.72
N LEU B 90 44.28 -3.93 13.64
CA LEU B 90 45.15 -2.76 13.77
C LEU B 90 46.21 -2.50 12.70
N GLU B 91 46.97 -3.53 12.30
CA GLU B 91 48.33 -3.24 11.80
C GLU B 91 48.94 -3.76 10.48
N ASP B 92 48.95 -5.07 10.24
CA ASP B 92 49.64 -5.56 9.04
C ASP B 92 48.73 -5.48 7.83
N GLU B 93 47.43 -5.62 8.10
CA GLU B 93 46.40 -5.53 7.08
C GLU B 93 46.35 -4.12 6.49
N VAL B 94 46.59 -3.12 7.35
CA VAL B 94 46.57 -1.71 6.95
C VAL B 94 47.47 -1.45 5.75
N THR B 95 48.74 -1.83 5.85
CA THR B 95 49.71 -1.58 4.78
C THR B 95 49.29 -2.26 3.47
N GLN B 96 48.73 -3.46 3.60
CA GLN B 96 48.22 -4.23 2.46
C GLN B 96 47.00 -3.56 1.85
N ALA B 97 46.17 -2.99 2.72
CA ALA B 97 44.94 -2.31 2.31
C ALA B 97 45.22 -1.03 1.54
N LEU B 98 46.23 -0.27 1.95
CA LEU B 98 46.58 0.97 1.24
C LEU B 98 47.00 0.65 -0.17
N TRP B 99 47.73 -0.45 -0.36
CA TRP B 99 48.10 -0.84 -1.71
C TRP B 99 46.83 -1.20 -2.46
N MET B 100 46.00 -2.06 -1.86
CA MET B 100 44.73 -2.46 -2.45
C MET B 100 43.88 -1.28 -2.90
N LEU B 101 43.77 -0.28 -2.03
CA LEU B 101 43.03 0.95 -2.31
C LEU B 101 43.63 1.73 -3.47
N ALA B 102 44.96 1.86 -3.45
CA ALA B 102 45.67 2.63 -4.44
C ALA B 102 45.34 2.11 -5.83
N ASN B 103 45.28 0.79 -5.94
CA ASN B 103 44.98 0.12 -7.21
C ASN B 103 43.50 0.06 -7.55
N TRP B 104 42.65 0.49 -6.63
CA TRP B 104 41.19 0.37 -6.80
C TRP B 104 40.61 1.38 -7.78
N ALA B 105 39.66 0.90 -8.60
CA ALA B 105 38.84 1.76 -9.47
C ALA B 105 38.51 3.08 -8.76
N PRO B 106 38.57 4.21 -9.49
CA PRO B 106 38.55 5.52 -8.84
C PRO B 106 37.23 5.78 -8.13
N MET B 107 37.31 6.31 -6.92
CA MET B 107 36.14 6.53 -6.09
C MET B 107 35.27 7.66 -6.62
N ASP B 108 33.96 7.49 -6.45
CA ASP B 108 32.99 8.55 -6.71
C ASP B 108 33.18 9.58 -5.60
N VAL B 109 32.63 10.78 -5.74
CA VAL B 109 32.87 11.83 -4.72
C VAL B 109 32.22 11.54 -3.35
N GLU B 110 31.07 10.87 -3.37
CA GLU B 110 30.28 10.70 -2.17
C GLU B 110 30.99 9.76 -1.20
N ASP B 111 31.60 8.72 -1.73
CA ASP B 111 32.50 7.93 -0.92
C ASP B 111 33.46 8.86 -0.19
N ALA B 112 33.98 9.87 -0.91
CA ALA B 112 34.98 10.76 -0.34
C ALA B 112 34.39 11.48 0.88
N LEU B 113 33.13 11.88 0.80
CA LEU B 113 32.47 12.58 1.90
C LEU B 113 32.42 11.69 3.12
N GLU B 114 32.21 10.40 2.89
CA GLU B 114 32.24 9.41 3.95
C GLU B 114 33.67 9.29 4.46
N LEU B 115 34.67 9.37 3.58
CA LEU B 115 36.05 9.20 4.00
C LEU B 115 36.54 10.36 4.87
N LEU B 116 35.92 11.52 4.68
CA LEU B 116 36.26 12.70 5.47
C LEU B 116 35.60 12.67 6.83
N SER B 117 34.62 11.78 7.00
CA SER B 117 33.92 11.62 8.28
C SER B 117 34.82 11.15 9.43
N PRO B 118 34.31 11.24 10.67
CA PRO B 118 35.07 10.95 11.90
C PRO B 118 35.48 9.49 11.99
N THR B 119 34.63 8.64 11.42
CA THR B 119 34.73 7.18 11.50
C THR B 119 36.16 6.69 11.22
N PHE B 120 36.71 7.02 10.06
CA PHE B 120 38.12 6.72 9.78
C PHE B 120 39.03 7.90 10.14
N THR B 121 39.93 7.63 11.08
CA THR B 121 40.89 8.61 11.57
C THR B 121 42.11 8.75 10.67
N HIS B 122 42.45 7.69 9.95
CA HIS B 122 43.74 7.60 9.24
C HIS B 122 43.94 8.66 8.15
N PRO B 123 45.19 9.18 8.01
CA PRO B 123 45.57 10.29 7.09
C PRO B 123 45.58 10.02 5.57
N GLN B 124 46.07 8.85 5.15
CA GLN B 124 46.16 8.48 3.73
C GLN B 124 44.79 8.47 3.08
N VAL B 125 43.81 7.92 3.78
CA VAL B 125 42.44 7.86 3.27
C VAL B 125 41.83 9.26 3.17
N ARG B 126 42.12 10.11 4.15
CA ARG B 126 41.73 11.51 4.08
C ARG B 126 42.34 12.11 2.83
N LYS B 127 43.64 11.90 2.65
CA LYS B 127 44.37 12.34 1.47
C LYS B 127 43.68 11.87 0.19
N TYR B 128 43.32 10.60 0.16
CA TYR B 128 42.63 10.03 -0.98
C TYR B 128 41.30 10.75 -1.20
N ALA B 129 40.54 10.92 -0.13
CA ALA B 129 39.24 11.58 -0.19
C ALA B 129 39.40 12.99 -0.76
N VAL B 130 40.46 13.66 -0.34
CA VAL B 130 40.73 15.03 -0.77
C VAL B 130 41.14 15.10 -2.24
N SER B 131 41.76 14.04 -2.75
CA SER B 131 42.14 13.98 -4.16
C SER B 131 40.92 13.78 -5.04
N ARG B 132 39.88 13.19 -4.45
CA ARG B 132 38.61 12.99 -5.12
C ARG B 132 37.88 14.30 -5.26
N LEU B 133 37.77 15.02 -4.15
CA LEU B 133 37.23 16.36 -4.15
C LEU B 133 38.00 17.23 -5.14
N ALA B 134 39.30 17.00 -5.23
CA ALA B 134 40.14 17.75 -6.14
C ALA B 134 39.60 17.58 -7.55
N GLN B 135 39.18 16.36 -7.87
CA GLN B 135 38.60 16.05 -9.19
C GLN B 135 37.25 16.71 -9.42
N ALA B 136 36.52 16.98 -8.33
CA ALA B 136 35.20 17.62 -8.41
C ALA B 136 35.25 19.07 -8.90
N PRO B 137 34.28 19.44 -9.76
CA PRO B 137 34.11 20.81 -10.27
C PRO B 137 33.52 21.74 -9.20
N ASP B 138 33.79 23.04 -9.33
CA ASP B 138 33.46 24.07 -8.32
C ASP B 138 32.02 24.09 -7.84
N GLU B 139 31.09 24.05 -8.79
CA GLU B 139 29.68 24.08 -8.46
C GLU B 139 29.37 22.94 -7.47
N ASP B 140 29.94 21.77 -7.70
CA ASP B 140 29.75 20.65 -6.79
C ASP B 140 30.28 20.95 -5.40
N LEU B 141 31.48 21.55 -5.32
CA LEU B 141 32.02 21.93 -4.02
C LEU B 141 31.05 22.84 -3.30
N LEU B 142 30.54 23.86 -3.99
CA LEU B 142 29.61 24.83 -3.40
C LEU B 142 28.51 24.23 -2.55
N LEU B 143 27.80 23.25 -3.11
CA LEU B 143 26.77 22.54 -2.34
C LEU B 143 27.43 21.81 -1.19
N TYR B 144 28.40 20.96 -1.54
CA TYR B 144 29.07 20.13 -0.55
C TYR B 144 29.78 21.01 0.45
N LEU B 145 30.24 22.17 -0.01
CA LEU B 145 31.18 23.02 0.72
C LEU B 145 30.80 23.23 2.16
N LEU B 146 29.52 23.47 2.40
CA LEU B 146 29.05 23.77 3.75
C LEU B 146 29.45 22.71 4.78
N GLN B 147 29.32 21.44 4.41
CA GLN B 147 29.72 20.33 5.27
C GLN B 147 31.23 20.26 5.42
N LEU B 148 31.94 20.55 4.34
CA LEU B 148 33.38 20.47 4.32
C LEU B 148 34.01 21.41 5.35
N VAL B 149 33.39 22.58 5.53
CA VAL B 149 33.78 23.49 6.59
C VAL B 149 33.62 22.79 7.93
N GLN B 150 32.50 22.09 8.11
CA GLN B 150 32.29 21.27 9.30
C GLN B 150 33.34 20.18 9.39
N ALA B 151 33.70 19.60 8.25
CA ALA B 151 34.63 18.47 8.19
C ALA B 151 35.99 18.80 8.78
N LEU B 152 36.35 20.08 8.72
CA LEU B 152 37.61 20.56 9.29
C LEU B 152 37.77 20.22 10.78
N LYS B 153 36.65 20.14 11.51
CA LYS B 153 36.63 19.83 12.94
C LYS B 153 37.37 18.53 13.18
N TYR B 154 37.41 17.71 12.13
CA TYR B 154 38.09 16.44 12.19
C TYR B 154 39.51 16.60 11.77
N GLU B 155 40.31 15.67 12.28
CA GLU B 155 41.76 15.74 12.29
C GLU B 155 42.39 16.04 10.91
N ASP B 156 43.64 16.48 10.93
CA ASP B 156 44.41 16.59 12.16
C ASP B 156 44.72 18.05 12.49
N PRO B 157 44.53 18.43 13.77
CA PRO B 157 44.99 19.71 14.29
C PRO B 157 46.46 19.99 13.93
N ARG B 158 47.29 18.94 13.98
CA ARG B 158 48.70 19.01 13.58
C ARG B 158 48.89 19.54 12.17
N HIS B 159 48.02 19.11 11.25
CA HIS B 159 48.04 19.61 9.86
C HIS B 159 47.76 21.10 9.83
N ILE B 160 46.91 21.54 10.75
CA ILE B 160 46.55 22.95 10.89
C ILE B 160 47.66 23.72 11.58
N VAL B 161 48.17 23.19 12.70
CA VAL B 161 49.20 23.88 13.49
C VAL B 161 50.44 24.17 12.63
N HIS B 162 50.83 23.21 11.79
CA HIS B 162 52.03 23.34 10.99
C HIS B 162 51.87 24.33 9.86
N LEU B 163 50.69 24.34 9.24
CA LEU B 163 50.41 25.36 8.24
C LEU B 163 50.45 26.74 8.89
N HIS B 164 49.86 26.86 10.08
CA HIS B 164 49.84 28.14 10.80
C HIS B 164 51.26 28.56 11.16
N GLY B 165 51.99 27.67 11.86
CA GLY B 165 53.38 27.90 12.21
C GLY B 165 54.22 28.30 11.00
N CYS B 166 53.80 27.82 9.83
CA CYS B 166 54.55 28.01 8.59
C CYS B 166 54.55 29.46 8.09
N ILE B 167 53.62 30.28 8.57
CA ILE B 167 53.49 31.65 8.05
C ILE B 167 53.71 32.76 9.09
N PHE B 168 54.27 32.42 10.25
CA PHE B 168 54.44 33.36 11.37
C PHE B 168 55.62 32.99 12.29
N ASN B 279 46.39 17.32 1.87
CA ASN B 279 45.73 17.76 3.10
C ASN B 279 44.56 18.70 2.85
N LEU B 280 43.48 18.49 3.60
CA LEU B 280 42.18 19.18 3.40
C LEU B 280 42.19 20.72 3.56
N CYS B 281 42.65 21.21 4.71
CA CYS B 281 42.61 22.66 4.98
C CYS B 281 43.34 23.43 3.90
N THR B 282 44.55 22.98 3.57
CA THR B 282 45.35 23.55 2.50
C THR B 282 44.56 23.58 1.18
N PHE B 283 43.85 22.50 0.90
CA PHE B 283 43.11 22.35 -0.35
C PHE B 283 41.98 23.35 -0.44
N LEU B 284 41.20 23.47 0.64
CA LEU B 284 40.07 24.38 0.68
C LEU B 284 40.49 25.81 0.40
N ILE B 285 41.61 26.22 1.01
CA ILE B 285 42.17 27.56 0.85
C ILE B 285 42.53 27.79 -0.62
N GLN B 286 43.38 26.93 -1.16
CA GLN B 286 43.79 27.05 -2.55
C GLN B 286 42.58 27.21 -3.48
N ARG B 287 41.57 26.35 -3.33
CA ARG B 287 40.40 26.39 -4.21
C ARG B 287 39.48 27.55 -3.94
N ALA B 288 39.51 28.05 -2.70
CA ALA B 288 38.78 29.26 -2.35
C ALA B 288 39.40 30.41 -3.13
N CYS B 289 40.73 30.42 -3.19
CA CYS B 289 41.47 31.48 -3.89
C CYS B 289 41.30 31.43 -5.42
N THR B 290 41.08 30.23 -5.97
CA THR B 290 40.82 30.03 -7.40
C THR B 290 39.53 30.70 -7.83
N ASN B 291 38.49 30.59 -6.99
CA ASN B 291 37.16 31.10 -7.34
C ASN B 291 36.59 32.11 -6.34
N ALA B 292 36.14 33.24 -6.89
CA ALA B 292 35.57 34.35 -6.12
C ALA B 292 34.31 34.02 -5.32
N THR B 293 33.28 33.47 -5.98
CA THR B 293 32.03 33.06 -5.30
C THR B 293 32.33 32.05 -4.18
N LEU B 294 33.14 31.05 -4.51
CA LEU B 294 33.59 30.05 -3.57
C LEU B 294 34.22 30.72 -2.37
N ALA B 295 35.13 31.66 -2.62
CA ALA B 295 35.83 32.40 -1.56
C ALA B 295 34.85 33.13 -0.64
N ASN B 296 33.84 33.76 -1.21
CA ASN B 296 32.87 34.48 -0.40
C ASN B 296 32.15 33.54 0.57
N TYR B 297 31.67 32.40 0.07
CA TYR B 297 30.94 31.48 0.92
C TYR B 297 31.84 30.88 1.97
N PHE B 298 33.03 30.48 1.55
CA PHE B 298 34.01 29.99 2.49
C PHE B 298 34.20 30.98 3.63
N TYR B 299 34.37 32.24 3.29
CA TYR B 299 34.63 33.28 4.28
C TYR B 299 33.48 33.44 5.26
N TRP B 300 32.26 33.46 4.74
CA TRP B 300 31.08 33.67 5.59
C TRP B 300 30.83 32.54 6.56
N TYR B 301 31.20 31.33 6.16
CA TYR B 301 31.02 30.15 6.97
C TYR B 301 32.02 30.12 8.08
N LEU B 302 33.23 30.59 7.77
CA LEU B 302 34.30 30.61 8.75
C LEU B 302 34.05 31.74 9.75
N SER B 303 33.59 32.89 9.27
CA SER B 303 33.31 34.04 10.11
C SER B 303 32.27 33.70 11.18
N ILE B 304 31.32 32.85 10.80
CA ILE B 304 30.25 32.42 11.70
C ILE B 304 30.75 31.42 12.76
N GLU B 305 31.74 30.60 12.40
CA GLU B 305 32.24 29.59 13.33
C GLU B 305 33.15 30.21 14.37
N VAL B 306 33.79 31.31 14.01
CA VAL B 306 34.69 32.04 14.91
C VAL B 306 33.94 33.02 15.83
N GLU B 307 32.79 33.52 15.35
CA GLU B 307 32.04 34.59 16.04
C GLU B 307 31.86 34.34 17.54
N GLN B 315 34.34 21.67 25.28
CA GLN B 315 35.41 21.16 24.42
C GLN B 315 35.31 21.68 22.98
N ASP B 316 34.27 22.46 22.70
CA ASP B 316 34.08 23.08 21.39
C ASP B 316 34.86 24.39 21.26
N GLU B 317 35.41 24.86 22.37
CA GLU B 317 36.28 26.05 22.39
C GLU B 317 37.55 25.82 21.58
N ARG B 318 38.05 24.58 21.62
CA ARG B 318 39.28 24.19 20.91
C ARG B 318 39.02 24.04 19.41
N ALA B 319 37.79 23.64 19.08
CA ALA B 319 37.36 23.53 17.69
C ALA B 319 37.13 24.91 17.10
N HIS B 320 36.62 25.84 17.93
CA HIS B 320 36.53 27.24 17.55
C HIS B 320 37.92 27.75 17.23
N ASP B 321 38.86 27.50 18.14
CA ASP B 321 40.21 28.06 18.07
C ASP B 321 40.77 27.73 16.70
N MET B 322 40.73 26.44 16.39
CA MET B 322 41.17 25.92 15.10
C MET B 322 40.55 26.66 13.91
N TYR B 323 39.24 26.90 13.94
CA TYR B 323 38.55 27.60 12.86
C TYR B 323 39.05 29.02 12.71
N ALA B 324 39.32 29.66 13.85
CA ALA B 324 39.88 31.01 13.86
C ALA B 324 41.22 31.02 13.15
N MET B 325 42.09 30.06 13.46
CA MET B 325 43.42 30.00 12.83
C MET B 325 43.26 29.87 11.33
N VAL B 326 42.38 28.96 10.90
CA VAL B 326 42.13 28.67 9.47
C VAL B 326 41.60 29.86 8.68
N LEU B 327 40.67 30.61 9.29
CA LEU B 327 40.13 31.80 8.64
C LEU B 327 41.23 32.84 8.48
N LYS B 328 41.96 33.08 9.56
CA LYS B 328 42.99 34.12 9.58
C LYS B 328 44.09 33.85 8.57
N MET B 329 44.49 32.59 8.44
CA MET B 329 45.47 32.21 7.44
C MET B 329 44.93 32.60 6.08
N PHE B 330 43.68 32.21 5.83
CA PHE B 330 43.01 32.41 4.54
C PHE B 330 43.01 33.88 4.10
N LEU B 331 42.76 34.78 5.04
CA LEU B 331 42.78 36.19 4.73
C LEU B 331 44.21 36.67 4.49
N LYS B 332 45.17 36.07 5.21
CA LYS B 332 46.57 36.44 5.10
C LYS B 332 47.13 36.05 3.74
N VAL B 333 46.76 34.88 3.24
CA VAL B 333 47.23 34.44 1.92
C VAL B 333 46.68 35.35 0.82
N LEU B 334 45.44 35.83 0.99
CA LEU B 334 44.84 36.79 0.07
C LEU B 334 45.59 38.14 0.01
N GLU B 335 46.08 38.61 1.16
CA GLU B 335 46.84 39.87 1.25
C GLU B 335 48.16 39.71 0.52
N ASN B 336 48.91 38.67 0.93
CA ASN B 336 50.15 38.26 0.28
C ASN B 336 49.89 37.92 -1.19
N GLY B 337 48.61 37.93 -1.56
CA GLY B 337 48.19 37.42 -2.84
C GLY B 337 48.72 38.15 -4.05
N ASN B 338 48.73 37.43 -5.17
CA ASN B 338 48.77 38.06 -6.47
C ASN B 338 47.42 38.73 -6.73
N PHE B 339 47.46 39.77 -7.58
CA PHE B 339 46.32 40.65 -7.91
C PHE B 339 44.88 40.23 -7.71
N ASN B 340 44.54 39.02 -8.15
CA ASN B 340 43.16 38.56 -8.10
C ASN B 340 42.72 38.12 -6.72
N LEU B 341 43.62 37.46 -5.98
CA LEU B 341 43.32 37.08 -4.61
C LEU B 341 43.03 38.34 -3.83
N ARG B 342 43.97 39.27 -3.89
CA ARG B 342 43.86 40.57 -3.21
C ARG B 342 42.62 41.31 -3.66
N GLY B 343 42.24 41.13 -4.92
CA GLY B 343 41.00 41.70 -5.43
C GLY B 343 39.81 41.15 -4.69
N ILE B 344 39.85 39.85 -4.40
CA ILE B 344 38.77 39.18 -3.69
C ILE B 344 38.77 39.61 -2.24
N PHE B 345 39.97 39.67 -1.69
CA PHE B 345 40.18 40.11 -0.32
C PHE B 345 39.57 41.48 -0.08
N TYR B 346 39.93 42.46 -0.90
CA TYR B 346 39.39 43.80 -0.71
C TYR B 346 37.86 43.72 -0.74
N ASN B 347 37.34 42.91 -1.65
CA ASN B 347 35.90 42.68 -1.77
C ASN B 347 35.26 42.15 -0.48
N LEU B 348 35.92 41.19 0.16
CA LEU B 348 35.45 40.66 1.42
C LEU B 348 35.39 41.73 2.52
N ARG B 349 36.46 42.51 2.63
CA ARG B 349 36.52 43.64 3.56
C ARG B 349 35.37 44.60 3.30
N LYS B 350 35.08 44.84 2.02
CA LYS B 350 34.00 45.75 1.64
C LYS B 350 32.64 45.19 2.02
N GLN B 351 32.43 43.90 1.80
CA GLN B 351 31.18 43.27 2.20
C GLN B 351 30.98 43.49 3.69
N ARG B 352 31.98 43.11 4.49
CA ARG B 352 31.86 43.17 5.95
C ARG B 352 31.47 44.56 6.43
N ARG B 353 32.23 45.56 6.01
CA ARG B 353 31.96 46.95 6.41
C ARG B 353 30.49 47.25 6.21
N PHE B 354 30.00 46.91 5.02
CA PHE B 354 28.62 47.15 4.65
C PHE B 354 27.65 46.43 5.57
N ILE B 355 27.94 45.17 5.87
CA ILE B 355 27.07 44.37 6.75
C ILE B 355 26.96 45.06 8.09
N ASP B 356 28.10 45.49 8.63
CA ASP B 356 28.21 46.11 9.96
C ASP B 356 27.44 47.41 10.03
N GLU B 357 27.40 48.13 8.91
CA GLU B 357 26.64 49.37 8.82
C GLU B 357 25.14 49.13 8.76
N LEU B 358 24.75 48.07 8.08
CA LEU B 358 23.33 47.72 7.96
C LEU B 358 22.84 47.18 9.29
N VAL B 359 23.71 46.50 10.03
CA VAL B 359 23.38 46.00 11.36
C VAL B 359 23.13 47.16 12.31
N LYS B 360 24.03 48.14 12.27
CA LYS B 360 23.96 49.32 13.14
C LYS B 360 22.69 50.11 12.88
N LEU B 361 22.36 50.33 11.61
CA LEU B 361 21.10 50.95 11.22
C LEU B 361 19.92 50.20 11.82
N VAL B 362 19.91 48.88 11.67
CA VAL B 362 18.81 48.04 12.20
C VAL B 362 18.68 48.16 13.73
N LYS B 363 19.81 48.06 14.43
CA LYS B 363 19.83 48.18 15.90
C LYS B 363 19.12 49.45 16.33
N LEU B 364 19.40 50.54 15.61
CA LEU B 364 18.83 51.85 15.88
C LEU B 364 17.36 51.95 15.46
N VAL B 365 16.96 51.16 14.45
CA VAL B 365 15.56 51.10 14.05
C VAL B 365 14.73 50.33 15.07
N ALA B 366 15.30 49.27 15.63
CA ALA B 366 14.65 48.48 16.67
C ALA B 366 14.52 49.29 17.96
N LYS B 367 15.53 50.11 18.27
CA LYS B 367 15.61 50.86 19.53
C LYS B 367 14.43 51.81 19.78
N GLU B 368 13.95 52.47 18.73
CA GLU B 368 12.72 53.28 18.85
C GLU B 368 11.50 52.34 18.98
N PRO B 369 10.65 52.56 20.01
CA PRO B 369 9.40 51.77 20.09
C PRO B 369 8.39 52.32 19.09
N GLY B 370 7.59 51.45 18.50
CA GLY B 370 6.69 51.93 17.48
C GLY B 370 5.59 51.01 16.99
N ASN B 371 4.67 51.64 16.26
CA ASN B 371 3.80 50.95 15.31
C ASN B 371 4.69 50.46 14.17
N ARG B 372 4.29 49.35 13.52
CA ARG B 372 5.03 48.83 12.36
C ARG B 372 5.27 49.90 11.27
N ASN B 373 4.21 50.65 10.93
CA ASN B 373 4.28 51.76 9.96
C ASN B 373 5.29 52.83 10.37
N LYS B 374 5.32 53.16 11.65
CA LYS B 374 6.28 54.13 12.21
C LYS B 374 7.71 53.66 12.00
N LYS B 375 7.94 52.36 12.18
CA LYS B 375 9.27 51.76 12.03
C LYS B 375 9.73 51.62 10.57
N THR B 376 8.78 51.51 9.65
CA THR B 376 9.08 51.55 8.21
C THR B 376 9.43 52.98 7.78
N GLU B 377 8.66 53.95 8.28
CA GLU B 377 8.87 55.38 8.01
C GLU B 377 10.26 55.78 8.46
N LYS B 378 10.61 55.35 9.66
CA LYS B 378 11.93 55.56 10.26
C LYS B 378 13.01 54.91 9.41
N PHE B 379 12.73 53.69 8.96
CA PHE B 379 13.64 52.90 8.14
C PHE B 379 13.97 53.64 6.84
N GLN B 380 12.93 54.08 6.13
CA GLN B 380 13.09 54.83 4.89
C GLN B 380 13.93 56.08 5.07
N LYS B 381 13.76 56.74 6.22
CA LYS B 381 14.48 57.97 6.51
C LYS B 381 15.96 57.74 6.77
N LEU B 382 16.29 56.65 7.45
CA LEU B 382 17.69 56.32 7.76
C LEU B 382 18.46 55.96 6.51
N LEU B 383 17.79 55.27 5.59
CA LEU B 383 18.40 54.83 4.34
C LEU B 383 18.63 56.02 3.43
N ALA B 384 17.63 56.89 3.35
CA ALA B 384 17.70 58.08 2.52
C ALA B 384 18.78 59.03 3.02
N GLU B 385 18.89 59.14 4.35
CA GLU B 385 19.84 60.04 4.98
C GLU B 385 21.27 59.63 4.67
N GLN B 386 22.05 60.61 4.23
CA GLN B 386 23.37 60.38 3.70
C GLN B 386 24.43 60.69 4.73
N ASP B 387 25.55 59.97 4.65
CA ASP B 387 26.79 60.26 5.41
C ASP B 387 26.68 60.46 6.94
N MET B 388 25.60 59.97 7.54
CA MET B 388 25.59 59.75 8.98
C MET B 388 26.18 58.35 9.20
N PHE B 389 26.02 57.51 8.18
CA PHE B 389 26.53 56.16 8.19
C PHE B 389 27.69 56.00 7.21
N LYS B 390 28.77 55.38 7.70
CA LYS B 390 30.12 55.48 7.09
C LYS B 390 30.10 55.47 5.58
N VAL B 391 29.40 54.51 5.01
CA VAL B 391 29.19 54.47 3.57
C VAL B 391 27.70 54.66 3.37
N ASN B 392 27.33 55.71 2.63
CA ASN B 392 25.93 56.04 2.42
C ASN B 392 25.18 54.85 1.83
N PHE B 393 23.92 54.70 2.21
CA PHE B 393 23.11 53.56 1.76
C PHE B 393 22.36 53.78 0.44
N THR B 394 22.04 55.03 0.14
CA THR B 394 21.39 55.40 -1.14
C THR B 394 22.32 55.26 -2.34
N ASN B 395 23.63 55.29 -2.07
CA ASN B 395 24.64 54.90 -3.04
C ASN B 395 25.99 54.57 -2.40
N PHE B 396 26.61 53.48 -2.87
CA PHE B 396 27.95 53.12 -2.44
C PHE B 396 28.71 52.52 -3.61
N GLU B 397 30.00 52.28 -3.42
CA GLU B 397 30.79 51.59 -4.45
C GLU B 397 30.20 50.19 -4.68
N PRO B 398 30.10 49.76 -5.95
CA PRO B 398 29.54 48.44 -6.28
C PRO B 398 30.20 47.28 -5.55
N ILE B 399 29.36 46.55 -4.82
CA ILE B 399 29.77 45.39 -4.07
C ILE B 399 29.02 44.19 -4.60
N PRO B 400 29.73 43.07 -4.81
CA PRO B 400 29.07 41.82 -5.14
C PRO B 400 28.29 41.40 -3.92
N PHE B 401 26.99 41.10 -4.08
CA PHE B 401 26.16 40.69 -2.95
C PHE B 401 26.84 39.54 -2.20
N PRO B 402 26.91 39.62 -0.85
CA PRO B 402 27.47 38.50 -0.11
C PRO B 402 26.60 37.25 -0.20
N LEU B 403 25.28 37.43 -0.17
CA LEU B 403 24.34 36.32 -0.29
C LEU B 403 24.47 35.61 -1.64
N ASP B 404 24.60 36.40 -2.72
CA ASP B 404 24.88 35.89 -4.05
C ASP B 404 26.11 36.60 -4.63
N PRO B 405 27.21 35.88 -4.85
CA PRO B 405 28.40 36.55 -5.35
C PRO B 405 28.26 37.17 -6.73
N GLU B 406 27.64 36.47 -7.67
CA GLU B 406 27.56 36.92 -9.05
C GLU B 406 26.99 38.32 -9.28
N ILE B 407 25.98 38.68 -8.50
CA ILE B 407 25.34 39.99 -8.59
C ILE B 407 26.08 41.08 -7.81
N TYR B 408 26.40 42.20 -8.47
CA TYR B 408 26.93 43.38 -7.78
C TYR B 408 25.80 44.32 -7.34
N ILE B 409 26.01 44.99 -6.21
CA ILE B 409 25.06 46.01 -5.75
C ILE B 409 25.72 47.38 -5.62
N THR B 410 25.11 48.37 -6.28
CA THR B 410 25.47 49.77 -6.06
C THR B 410 24.80 50.36 -4.81
N LYS B 411 23.49 50.18 -4.68
CA LYS B 411 22.71 50.89 -3.69
C LYS B 411 21.46 50.14 -3.26
N ILE B 412 20.88 50.56 -2.13
CA ILE B 412 19.52 50.17 -1.74
C ILE B 412 18.53 51.20 -2.28
N VAL B 413 17.24 50.87 -2.26
CA VAL B 413 16.18 51.84 -2.52
C VAL B 413 15.27 51.89 -1.29
N PRO B 414 15.19 53.05 -0.61
CA PRO B 414 14.44 53.21 0.65
C PRO B 414 12.91 53.11 0.52
N MET B 415 12.33 53.84 -0.42
CA MET B 415 10.87 53.92 -0.59
C MET B 415 10.24 52.56 -0.87
N ARG B 416 10.97 51.68 -1.54
CA ARG B 416 10.49 50.36 -1.88
C ARG B 416 10.44 49.41 -0.69
N THR B 417 11.35 49.62 0.27
CA THR B 417 11.45 48.74 1.44
C THR B 417 10.18 48.75 2.28
N SER B 418 9.64 47.55 2.54
CA SER B 418 8.51 47.39 3.44
C SER B 418 8.88 46.43 4.57
N LEU B 419 8.18 46.52 5.70
CA LEU B 419 8.55 45.71 6.85
C LEU B 419 7.55 44.61 7.18
N PHE B 420 8.07 43.46 7.63
CA PHE B 420 7.28 42.23 7.80
C PHE B 420 6.48 42.06 9.09
N LYS B 421 5.30 41.45 8.92
CA LYS B 421 4.31 41.18 9.98
C LYS B 421 4.83 40.46 11.23
N SER B 422 5.83 39.59 11.05
CA SER B 422 6.48 38.86 12.16
C SER B 422 6.92 39.81 13.28
N ALA B 423 6.75 39.37 14.52
CA ALA B 423 6.95 40.19 15.74
C ALA B 423 8.34 40.83 15.79
N LEU B 424 9.38 39.99 15.74
CA LEU B 424 10.73 40.43 15.36
C LEU B 424 10.68 40.60 13.84
N MET B 425 10.98 41.80 13.37
CA MET B 425 10.59 42.14 12.01
C MET B 425 11.69 42.29 10.96
N PRO B 426 11.81 41.27 10.09
CA PRO B 426 12.75 41.29 8.98
C PRO B 426 12.29 42.36 8.00
N ALA B 427 13.23 42.99 7.30
CA ALA B 427 12.84 43.95 6.29
C ALA B 427 13.11 43.39 4.90
N LYS B 428 12.22 43.72 3.97
CA LYS B 428 12.49 43.55 2.55
C LYS B 428 13.26 44.80 2.13
N LEU B 429 14.31 44.61 1.33
CA LEU B 429 15.08 45.73 0.79
C LEU B 429 15.11 45.57 -0.72
N THR B 430 15.16 46.68 -1.44
CA THR B 430 15.44 46.58 -2.87
C THR B 430 16.84 47.10 -3.13
N PHE B 431 17.61 46.31 -3.89
CA PHE B 431 18.96 46.67 -4.30
C PHE B 431 18.97 46.95 -5.77
N VAL B 432 20.02 47.62 -6.24
CA VAL B 432 20.21 47.77 -7.66
C VAL B 432 21.46 47.01 -8.10
N THR B 433 21.29 46.24 -9.17
CA THR B 433 22.41 45.57 -9.81
C THR B 433 23.35 46.58 -10.43
N SER B 434 24.63 46.23 -10.44
CA SER B 434 25.64 47.08 -11.05
C SER B 434 25.32 47.29 -12.51
N ILE B 435 24.76 46.26 -13.16
CA ILE B 435 24.54 46.32 -14.60
C ILE B 435 23.08 46.34 -15.01
N ALA B 436 22.75 47.29 -15.88
CA ALA B 436 21.44 47.45 -16.52
C ALA B 436 20.32 47.85 -15.55
N HIS B 437 20.71 48.33 -14.37
CA HIS B 437 19.75 48.79 -13.35
C HIS B 437 18.70 47.73 -12.94
N HIS B 438 19.07 46.45 -13.00
CA HIS B 438 18.23 45.41 -12.42
C HIS B 438 18.09 45.64 -10.94
N GLU B 439 16.94 45.27 -10.40
CA GLU B 439 16.75 45.33 -8.97
C GLU B 439 16.73 43.93 -8.42
N TYR B 440 17.35 43.76 -7.27
CA TYR B 440 17.30 42.50 -6.56
C TYR B 440 16.59 42.76 -5.25
N ALA B 441 15.64 41.88 -4.92
CA ALA B 441 14.95 41.97 -3.65
C ALA B 441 15.47 40.90 -2.74
N ALA B 442 15.85 41.32 -1.54
CA ALA B 442 16.30 40.40 -0.51
C ALA B 442 15.60 40.71 0.80
N ILE B 443 15.71 39.79 1.73
CA ILE B 443 15.17 39.98 3.05
C ILE B 443 16.35 40.07 3.99
N PHE B 444 16.28 41.02 4.92
CA PHE B 444 17.29 41.09 5.99
C PHE B 444 16.72 40.88 7.39
N LYS B 445 17.02 39.71 7.95
CA LYS B 445 16.50 39.26 9.24
C LYS B 445 17.49 39.49 10.37
N HIS B 446 16.99 40.02 11.49
CA HIS B 446 17.83 40.49 12.61
C HIS B 446 17.76 39.63 13.87
N GLY B 447 16.75 38.76 13.96
CA GLY B 447 16.45 38.09 15.22
C GLY B 447 17.21 36.81 15.56
N ASP B 448 17.20 35.86 14.63
CA ASP B 448 17.69 34.52 14.96
C ASP B 448 18.83 34.04 14.05
N ASP B 449 19.57 33.07 14.56
CA ASP B 449 20.56 32.32 13.81
C ASP B 449 19.85 31.54 12.69
N LEU B 450 20.36 31.68 11.46
CA LEU B 450 19.71 31.11 10.28
C LEU B 450 20.34 29.83 9.75
N ARG B 451 21.44 29.39 10.35
CA ARG B 451 22.10 28.14 9.96
C ARG B 451 21.13 27.00 9.68
N GLN B 452 20.09 26.88 10.52
CA GLN B 452 19.11 25.80 10.37
C GLN B 452 18.33 25.94 9.06
N ASP B 453 17.77 27.13 8.81
CA ASP B 453 17.05 27.40 7.58
C ASP B 453 17.95 27.15 6.37
N GLN B 454 19.24 27.46 6.51
CA GLN B 454 20.12 27.37 5.35
C GLN B 454 20.50 25.93 5.05
N LEU B 455 20.62 25.11 6.09
CA LEU B 455 20.92 23.71 5.86
C LEU B 455 19.75 23.13 5.11
N ILE B 456 18.54 23.40 5.58
CA ILE B 456 17.38 22.89 4.89
C ILE B 456 17.45 23.32 3.45
N LEU B 457 17.87 24.54 3.21
CA LEU B 457 17.80 25.00 1.84
C LEU B 457 18.81 24.32 0.95
N GLN B 458 20.02 24.08 1.47
CA GLN B 458 21.03 23.31 0.77
C GLN B 458 20.47 21.93 0.45
N MET B 459 19.81 21.36 1.45
CA MET B 459 19.22 20.05 1.31
C MET B 459 18.23 20.01 0.16
N ILE B 460 17.24 20.89 0.21
CA ILE B 460 16.25 20.97 -0.84
C ILE B 460 16.97 21.06 -2.19
N THR B 461 17.94 21.97 -2.27
CA THR B 461 18.66 22.26 -3.52
C THR B 461 19.22 20.98 -4.07
N LEU B 462 19.89 20.23 -3.21
CA LEU B 462 20.49 18.96 -3.57
C LEU B 462 19.47 18.04 -4.22
N MET B 463 18.36 17.82 -3.52
CA MET B 463 17.28 16.91 -3.93
C MET B 463 16.69 17.31 -5.27
N ASP B 464 16.37 18.59 -5.40
CA ASP B 464 15.90 19.13 -6.67
C ASP B 464 16.90 18.81 -7.79
N LYS B 465 18.18 19.05 -7.53
CA LYS B 465 19.20 18.86 -8.54
C LYS B 465 19.16 17.46 -9.05
N LEU B 466 19.07 16.49 -8.14
CA LEU B 466 19.07 15.07 -8.49
C LEU B 466 17.82 14.71 -9.25
N LEU B 467 16.70 15.24 -8.78
CA LEU B 467 15.42 15.06 -9.43
C LEU B 467 15.46 15.59 -10.86
N ARG B 468 16.11 16.73 -11.08
CA ARG B 468 16.19 17.33 -12.41
C ARG B 468 17.16 16.51 -13.25
N ARG B 469 18.18 15.97 -12.58
CA ARG B 469 19.11 15.05 -13.21
C ARG B 469 18.36 13.78 -13.52
N GLU B 470 17.30 13.54 -12.75
CA GLU B 470 16.31 12.49 -13.06
C GLU B 470 15.40 12.94 -14.18
N ASN B 471 15.34 14.26 -14.37
CA ASN B 471 14.43 14.88 -15.30
C ASN B 471 12.99 14.80 -14.79
N LEU B 472 12.85 14.95 -13.48
CA LEU B 472 11.61 15.35 -12.87
C LEU B 472 11.87 16.71 -12.29
N ASP B 473 11.26 17.73 -12.90
CA ASP B 473 11.29 19.01 -12.27
C ASP B 473 9.98 19.14 -11.53
N LEU B 474 10.03 19.14 -10.20
CA LEU B 474 8.81 19.31 -9.43
C LEU B 474 8.52 20.79 -9.20
N LYS B 475 9.27 21.62 -9.93
CA LYS B 475 9.20 23.08 -9.85
C LYS B 475 9.39 23.51 -8.41
N LEU B 476 10.42 22.95 -7.80
CA LEU B 476 10.81 23.36 -6.47
C LEU B 476 11.40 24.74 -6.63
N THR B 477 11.13 25.56 -5.63
CA THR B 477 11.54 26.96 -5.67
C THR B 477 12.43 27.20 -4.47
N PRO B 478 13.68 26.71 -4.54
CA PRO B 478 14.58 26.78 -3.41
C PRO B 478 15.35 28.08 -3.45
N TYR B 479 15.04 29.01 -2.55
CA TYR B 479 15.74 30.26 -2.57
C TYR B 479 17.03 30.11 -1.80
N LYS B 480 18.04 30.91 -2.15
CA LYS B 480 19.29 30.94 -1.40
C LYS B 480 19.01 31.57 -0.06
N VAL B 481 19.67 31.04 0.97
CA VAL B 481 19.72 31.70 2.27
C VAL B 481 21.19 31.79 2.69
N LEU B 482 21.61 32.94 3.18
CA LEU B 482 22.88 32.99 3.92
C LEU B 482 22.66 33.67 5.27
N ALA B 483 23.30 33.17 6.31
CA ALA B 483 23.36 33.90 7.57
C ALA B 483 24.73 34.51 7.70
N THR B 484 24.72 35.84 7.83
CA THR B 484 25.91 36.64 8.09
C THR B 484 26.55 36.27 9.43
N SER B 485 25.78 36.51 10.49
CA SER B 485 26.15 36.10 11.83
C SER B 485 24.99 35.32 12.42
N SER B 486 25.20 34.66 13.56
CA SER B 486 24.06 34.17 14.34
C SER B 486 23.27 35.43 14.64
N LYS B 487 22.02 35.44 14.22
CA LYS B 487 21.09 36.59 14.37
C LYS B 487 21.12 37.68 13.27
N HIS B 488 21.96 37.57 12.24
CA HIS B 488 21.63 38.28 10.99
C HIS B 488 21.78 37.42 9.74
N GLY B 489 20.85 37.58 8.81
CA GLY B 489 21.00 36.89 7.55
C GLY B 489 20.26 37.53 6.41
N PHE B 490 20.53 37.03 5.22
CA PHE B 490 19.81 37.44 4.06
C PHE B 490 19.05 36.24 3.53
N LEU B 491 17.83 36.46 3.06
CA LEU B 491 17.12 35.42 2.36
C LEU B 491 16.66 35.95 1.02
N GLN B 492 16.85 35.15 -0.02
CA GLN B 492 16.29 35.48 -1.30
C GLN B 492 14.81 35.74 -1.13
N TYR B 493 14.26 36.58 -1.97
CA TYR B 493 12.83 36.81 -1.96
C TYR B 493 12.27 36.53 -3.33
N VAL B 494 11.15 35.83 -3.35
CA VAL B 494 10.45 35.52 -4.60
C VAL B 494 9.02 36.07 -4.46
N ASP B 495 8.53 36.81 -5.46
CA ASP B 495 7.19 37.39 -5.36
C ASP B 495 6.22 36.24 -5.15
N SER B 496 5.45 36.34 -4.07
CA SER B 496 4.62 35.24 -3.63
C SER B 496 3.58 35.73 -2.63
N CYS B 497 2.48 35.00 -2.54
CA CYS B 497 1.46 35.24 -1.54
C CYS B 497 1.32 34.06 -0.60
N THR B 498 1.36 34.33 0.71
CA THR B 498 1.06 33.29 1.69
C THR B 498 -0.37 32.77 1.46
N VAL B 499 -0.57 31.47 1.60
CA VAL B 499 -1.86 30.83 1.31
C VAL B 499 -3.02 31.48 2.09
N ALA B 500 -2.82 31.70 3.39
CA ALA B 500 -3.82 32.33 4.24
C ALA B 500 -4.21 33.71 3.71
N GLU B 501 -3.21 34.45 3.23
CA GLU B 501 -3.45 35.74 2.61
C GLU B 501 -4.34 35.56 1.38
N VAL B 502 -3.97 34.64 0.49
CA VAL B 502 -4.77 34.34 -0.69
C VAL B 502 -6.22 34.14 -0.33
N LEU B 503 -6.46 33.38 0.75
CA LEU B 503 -7.80 33.03 1.20
C LEU B 503 -8.60 34.19 1.78
N ALA B 504 -7.90 35.13 2.41
CA ALA B 504 -8.51 36.37 2.85
C ALA B 504 -8.85 37.17 1.60
N ARG B 505 -7.88 37.26 0.68
CA ARG B 505 -8.05 37.90 -0.61
C ARG B 505 -9.04 37.10 -1.49
N GLU B 506 -9.01 35.76 -1.40
CA GLU B 506 -9.96 34.86 -2.07
C GLU B 506 -10.24 33.60 -1.27
N GLY B 507 -11.52 33.32 -1.04
CA GLY B 507 -11.95 32.08 -0.36
C GLY B 507 -11.40 30.81 -0.98
N ASN B 508 -11.09 30.87 -2.28
CA ASN B 508 -10.54 29.72 -3.01
C ASN B 508 -9.28 30.05 -3.80
N ILE B 509 -8.38 29.09 -3.85
CA ILE B 509 -7.13 29.19 -4.63
C ILE B 509 -7.37 29.31 -6.13
N HIS B 510 -8.43 28.66 -6.62
CA HIS B 510 -8.69 28.60 -8.05
C HIS B 510 -9.12 29.94 -8.59
N ASN B 511 -9.99 30.63 -7.85
CA ASN B 511 -10.32 32.01 -8.17
C ASN B 511 -9.07 32.86 -8.20
N PHE B 512 -8.16 32.60 -7.26
CA PHE B 512 -6.87 33.29 -7.22
C PHE B 512 -6.03 33.01 -8.48
N PHE B 513 -5.99 31.75 -8.93
CA PHE B 513 -5.27 31.44 -10.17
C PHE B 513 -6.04 32.03 -11.32
N ARG B 514 -7.37 31.93 -11.26
CA ARG B 514 -8.27 32.42 -12.31
C ARG B 514 -8.00 33.89 -12.71
N LYS B 515 -7.66 34.71 -11.73
CA LYS B 515 -7.29 36.10 -12.01
C LYS B 515 -6.01 36.18 -12.83
N HIS B 516 -5.09 35.23 -12.63
CA HIS B 516 -3.76 35.34 -13.24
C HIS B 516 -3.57 34.57 -14.55
N HIS B 517 -4.10 33.36 -14.65
CA HIS B 517 -3.99 32.57 -15.89
C HIS B 517 -5.29 31.83 -16.21
N PRO B 518 -6.33 32.57 -16.62
CA PRO B 518 -7.59 31.90 -16.90
C PRO B 518 -7.61 31.27 -18.29
N CYS B 519 -8.18 30.08 -18.40
CA CYS B 519 -8.47 29.49 -19.70
C CYS B 519 -9.86 28.89 -19.71
N ASP B 520 -10.56 29.09 -20.83
CA ASP B 520 -11.96 28.69 -20.97
C ASP B 520 -12.10 27.17 -21.06
N ASN B 521 -11.30 26.55 -21.91
CA ASN B 521 -11.27 25.09 -21.99
C ASN B 521 -10.32 24.48 -20.95
N GLY B 522 -9.62 25.36 -20.23
CA GLY B 522 -8.76 24.97 -19.11
C GLY B 522 -9.55 24.16 -18.09
N PRO B 523 -8.88 23.21 -17.42
CA PRO B 523 -9.55 22.25 -16.55
C PRO B 523 -10.54 22.94 -15.64
N TYR B 524 -10.01 23.83 -14.80
CA TYR B 524 -10.81 24.79 -14.11
C TYR B 524 -10.32 26.07 -14.76
N GLY B 525 -11.00 27.18 -14.52
CA GLY B 525 -10.60 28.45 -15.13
C GLY B 525 -9.16 28.83 -14.85
N ILE B 526 -8.24 27.88 -15.08
CA ILE B 526 -6.79 28.05 -14.92
C ILE B 526 -6.14 27.48 -16.17
N SER B 527 -4.98 28.03 -16.56
CA SER B 527 -4.19 27.44 -17.64
C SER B 527 -3.72 26.06 -17.20
N ALA B 528 -3.89 25.08 -18.08
CA ALA B 528 -3.50 23.70 -17.81
C ALA B 528 -2.10 23.55 -17.21
N GLU B 529 -1.15 24.32 -17.74
CA GLU B 529 0.24 24.22 -17.32
C GLU B 529 0.48 24.72 -15.90
N VAL B 530 -0.27 25.74 -15.49
CA VAL B 530 -0.21 26.22 -14.10
C VAL B 530 -0.63 25.10 -13.13
N MET B 531 -1.72 24.42 -13.46
CA MET B 531 -2.23 23.35 -12.62
C MET B 531 -1.19 22.27 -12.43
N ASP B 532 -0.57 21.87 -13.54
CA ASP B 532 0.47 20.85 -13.50
C ASP B 532 1.61 21.31 -12.61
N THR B 533 2.10 22.53 -12.83
CA THR B 533 3.16 23.06 -11.95
C THR B 533 2.76 23.10 -10.46
N TYR B 534 1.53 23.51 -10.17
CA TYR B 534 1.04 23.47 -8.79
C TYR B 534 1.06 22.06 -8.17
N ILE B 535 0.47 21.10 -8.89
CA ILE B 535 0.46 19.70 -8.45
C ILE B 535 1.86 19.21 -8.12
N LYS B 536 2.81 19.51 -9.01
CA LYS B 536 4.16 18.99 -8.87
C LYS B 536 4.85 19.59 -7.65
N SER B 537 4.79 20.92 -7.52
CA SER B 537 5.37 21.60 -6.38
C SER B 537 4.88 21.06 -5.04
N CYS B 538 3.59 20.69 -4.96
CA CYS B 538 3.04 20.10 -3.74
C CYS B 538 3.72 18.79 -3.50
N ALA B 539 3.69 17.90 -4.50
CA ALA B 539 4.28 16.57 -4.35
C ALA B 539 5.69 16.68 -3.82
N GLY B 540 6.54 17.40 -4.57
CA GLY B 540 7.95 17.57 -4.22
C GLY B 540 8.08 17.92 -2.77
N TYR B 541 7.29 18.91 -2.35
CA TYR B 541 7.37 19.45 -1.01
C TYR B 541 6.83 18.56 0.09
N CYS B 542 5.83 17.74 -0.22
CA CYS B 542 5.35 16.78 0.75
C CYS B 542 6.43 15.76 0.99
N VAL B 543 7.10 15.34 -0.08
CA VAL B 543 8.03 14.26 0.06
C VAL B 543 9.28 14.75 0.75
N ILE B 544 9.67 15.99 0.43
CA ILE B 544 10.88 16.59 1.01
C ILE B 544 10.71 16.91 2.47
N THR B 545 9.62 17.58 2.82
CA THR B 545 9.35 17.83 4.22
C THR B 545 9.36 16.49 4.92
N TYR B 546 8.75 15.46 4.31
CA TYR B 546 8.66 14.15 4.94
C TYR B 546 10.05 13.59 5.24
N LEU B 547 10.90 13.51 4.22
CA LEU B 547 12.24 13.01 4.41
C LEU B 547 12.92 13.81 5.50
N LEU B 548 12.76 15.13 5.41
CA LEU B 548 13.37 16.05 6.36
C LEU B 548 12.60 16.19 7.67
N GLY B 549 11.37 15.68 7.72
CA GLY B 549 10.56 15.76 8.95
C GLY B 549 10.42 17.20 9.44
N VAL B 550 10.05 18.09 8.53
CA VAL B 550 9.85 19.49 8.86
C VAL B 550 8.56 19.68 9.67
N GLY B 551 8.60 20.54 10.68
CA GLY B 551 7.42 20.83 11.50
C GLY B 551 6.91 22.26 11.41
N ASP B 552 5.79 22.51 12.09
CA ASP B 552 5.19 23.85 12.30
C ASP B 552 4.47 24.44 11.10
N ARG B 553 3.99 23.58 10.22
CA ARG B 553 3.36 24.09 9.01
C ARG B 553 2.03 24.72 9.36
N HIS B 554 1.78 25.86 8.73
CA HIS B 554 0.51 26.55 8.83
C HIS B 554 0.43 27.44 7.59
N LEU B 555 -0.75 27.96 7.30
CA LEU B 555 -0.96 28.65 6.03
C LEU B 555 -0.12 29.91 5.81
N ASP B 556 0.47 30.42 6.89
CA ASP B 556 1.43 31.54 6.81
C ASP B 556 2.77 31.01 6.34
N ASN B 557 2.99 29.73 6.59
CA ASN B 557 4.24 29.03 6.30
C ASN B 557 4.44 28.63 4.86
N LEU B 558 3.35 28.47 4.12
CA LEU B 558 3.49 28.01 2.75
C LEU B 558 3.02 29.15 1.87
N LEU B 559 3.80 29.44 0.83
CA LEU B 559 3.46 30.54 -0.06
C LEU B 559 3.15 30.06 -1.44
N LEU B 560 2.36 30.84 -2.16
CA LEU B 560 2.05 30.50 -3.52
C LEU B 560 2.37 31.65 -4.45
N THR B 561 2.88 31.30 -5.62
CA THR B 561 3.15 32.27 -6.66
C THR B 561 1.98 32.32 -7.63
N THR B 562 1.96 33.36 -8.47
CA THR B 562 0.97 33.47 -9.54
C THR B 562 1.17 32.34 -10.53
N ASN B 563 2.42 31.88 -10.64
CA ASN B 563 2.80 30.72 -11.46
C ASN B 563 2.18 29.39 -11.03
N GLY B 564 1.98 29.23 -9.73
CA GLY B 564 1.44 27.99 -9.21
C GLY B 564 2.45 27.21 -8.40
N LYS B 565 3.73 27.60 -8.48
CA LYS B 565 4.75 26.90 -7.71
C LYS B 565 4.26 27.04 -6.27
N LEU B 566 4.42 25.99 -5.47
CA LEU B 566 4.17 26.08 -4.04
C LEU B 566 5.46 25.88 -3.30
N PHE B 567 5.72 26.69 -2.28
CA PHE B 567 6.91 26.46 -1.45
C PHE B 567 6.67 26.76 0.02
N HIS B 568 7.60 26.32 0.86
CA HIS B 568 7.55 26.62 2.28
C HIS B 568 8.54 27.73 2.61
N ILE B 569 8.13 28.64 3.49
CA ILE B 569 8.97 29.77 3.88
C ILE B 569 9.88 29.47 5.05
N ASP B 570 9.32 29.00 6.15
CA ASP B 570 10.07 29.06 7.39
C ASP B 570 10.27 27.74 8.09
N PHE B 571 11.51 27.51 8.53
CA PHE B 571 11.98 26.19 8.94
C PHE B 571 12.59 26.19 10.34
N GLY B 572 11.82 26.62 11.32
CA GLY B 572 12.23 26.57 12.72
C GLY B 572 12.26 25.18 13.35
N TYR B 573 11.51 24.24 12.76
CA TYR B 573 11.42 22.89 13.29
C TYR B 573 11.76 21.80 12.27
N ILE B 574 12.76 20.98 12.61
CA ILE B 574 13.37 20.01 11.71
C ILE B 574 13.39 18.65 12.38
N LEU B 575 13.33 17.60 11.58
CA LEU B 575 13.44 16.22 12.08
C LEU B 575 12.33 15.89 13.07
N GLY B 576 11.13 16.39 12.78
CA GLY B 576 9.93 16.03 13.51
C GLY B 576 9.65 16.89 14.73
N ARG B 577 10.66 17.60 15.23
CA ARG B 577 10.43 18.50 16.34
C ARG B 577 9.26 19.38 15.95
N ASP B 578 8.36 19.61 16.89
CA ASP B 578 7.15 20.37 16.63
C ASP B 578 6.61 20.81 17.98
N PRO B 579 6.07 22.04 18.06
CA PRO B 579 5.43 22.46 19.31
C PRO B 579 4.21 21.59 19.58
N LYS B 580 3.39 21.37 18.56
CA LYS B 580 2.19 20.55 18.67
C LYS B 580 2.54 19.06 18.86
N PRO B 581 1.59 18.29 19.41
CA PRO B 581 1.83 16.96 19.97
C PRO B 581 1.87 15.80 18.96
N MET B 582 1.07 15.89 17.89
CA MET B 582 1.04 14.89 16.84
C MET B 582 1.42 15.51 15.49
N PRO B 583 1.67 14.67 14.47
CA PRO B 583 1.98 15.16 13.12
C PRO B 583 0.80 15.99 12.52
N PRO B 584 0.21 15.61 11.36
CA PRO B 584 0.35 14.47 10.46
C PRO B 584 1.74 14.36 9.83
N PRO B 585 2.15 13.16 9.38
CA PRO B 585 3.50 12.97 8.87
C PRO B 585 3.65 13.70 7.55
N MET B 586 2.55 13.72 6.80
CA MET B 586 2.45 14.43 5.55
C MET B 586 1.61 15.66 5.82
N LYS B 587 2.11 16.85 5.50
CA LYS B 587 1.38 18.09 5.85
C LYS B 587 0.66 18.69 4.66
N LEU B 588 -0.67 18.57 4.66
CA LEU B 588 -1.52 19.19 3.62
C LEU B 588 -2.74 19.88 4.18
N SER B 589 -2.91 21.15 3.82
CA SER B 589 -4.12 21.90 4.12
C SER B 589 -5.30 21.24 3.42
N LYS B 590 -6.48 21.44 3.97
CA LYS B 590 -7.71 20.95 3.36
C LYS B 590 -7.87 21.68 2.03
N GLU B 591 -7.54 22.96 2.08
CA GLU B 591 -7.68 23.91 1.00
C GLU B 591 -6.82 23.52 -0.20
N MET B 592 -5.64 22.95 0.07
CA MET B 592 -4.72 22.50 -0.97
C MET B 592 -5.24 21.26 -1.68
N VAL B 593 -5.92 20.39 -0.93
CA VAL B 593 -6.54 19.19 -1.50
C VAL B 593 -7.78 19.58 -2.29
N GLU B 594 -8.50 20.59 -1.82
CA GLU B 594 -9.61 21.16 -2.56
C GLU B 594 -9.08 21.93 -3.75
N ALA B 595 -7.88 22.49 -3.59
CA ALA B 595 -7.15 23.20 -4.64
C ALA B 595 -6.70 22.23 -5.71
N MET B 596 -6.51 20.97 -5.33
CA MET B 596 -6.30 19.92 -6.30
C MET B 596 -7.63 19.53 -6.93
N GLY B 597 -8.73 19.73 -6.22
CA GLY B 597 -10.04 19.26 -6.64
C GLY B 597 -10.46 17.93 -6.02
N GLY B 598 -9.73 17.51 -4.99
CA GLY B 598 -10.12 16.35 -4.18
C GLY B 598 -9.80 14.99 -4.76
N ILE B 599 -9.97 13.98 -3.92
CA ILE B 599 -9.64 12.59 -4.20
C ILE B 599 -10.22 12.06 -5.52
N SER B 600 -11.45 12.49 -5.83
CA SER B 600 -12.17 12.10 -7.04
C SER B 600 -11.42 12.55 -8.30
N SER B 601 -10.92 13.79 -8.26
CA SER B 601 -10.31 14.44 -9.43
C SER B 601 -9.08 13.70 -9.96
N GLU B 602 -8.83 13.89 -11.24
CA GLU B 602 -7.73 13.26 -11.97
C GLU B 602 -6.38 13.81 -11.55
N HIS B 603 -6.33 15.11 -11.35
CA HIS B 603 -5.13 15.80 -10.89
C HIS B 603 -4.59 15.24 -9.59
N HIS B 604 -5.50 15.02 -8.64
CA HIS B 604 -5.12 14.51 -7.35
C HIS B 604 -4.41 13.18 -7.49
N HIS B 605 -4.89 12.38 -8.43
CA HIS B 605 -4.26 11.11 -8.72
C HIS B 605 -2.86 11.27 -9.30
N GLU B 606 -2.71 12.21 -10.24
CA GLU B 606 -1.41 12.62 -10.77
C GLU B 606 -0.48 13.08 -9.67
N PHE B 607 -1.04 13.82 -8.71
CA PHE B 607 -0.30 14.32 -7.58
C PHE B 607 0.28 13.17 -6.79
N ARG B 608 -0.59 12.25 -6.37
CA ARG B 608 -0.15 11.08 -5.61
C ARG B 608 0.92 10.38 -6.41
N LYS B 609 0.63 10.08 -7.68
CA LYS B 609 1.56 9.41 -8.58
C LYS B 609 2.96 10.04 -8.56
N GLN B 610 3.02 11.37 -8.60
CA GLN B 610 4.28 12.10 -8.56
C GLN B 610 5.01 11.92 -7.23
N CYS B 611 4.28 11.91 -6.13
CA CYS B 611 4.86 11.77 -4.80
C CYS B 611 5.66 10.50 -4.71
N TYR B 612 5.05 9.39 -5.11
CA TYR B 612 5.70 8.08 -5.02
C TYR B 612 7.01 8.07 -5.79
N THR B 613 6.95 8.50 -7.05
CA THR B 613 8.08 8.42 -7.95
C THR B 613 9.23 9.32 -7.48
N ALA B 614 8.89 10.49 -6.95
CA ALA B 614 9.88 11.37 -6.35
C ALA B 614 10.53 10.65 -5.18
N TYR B 615 9.71 10.09 -4.30
CA TYR B 615 10.19 9.33 -3.15
C TYR B 615 11.13 8.18 -3.53
N LEU B 616 10.79 7.49 -4.63
CA LEU B 616 11.57 6.36 -5.14
C LEU B 616 12.96 6.77 -5.58
N HIS B 617 13.03 7.91 -6.30
CA HIS B 617 14.27 8.44 -6.80
C HIS B 617 15.20 8.89 -5.69
N LEU B 618 14.68 9.67 -4.76
CA LEU B 618 15.47 10.14 -3.63
C LEU B 618 16.07 8.96 -2.90
N ARG B 619 15.29 7.89 -2.80
CA ARG B 619 15.75 6.68 -2.13
C ARG B 619 17.04 6.19 -2.79
N ARG B 620 17.10 6.27 -4.13
CA ARG B 620 18.23 5.75 -4.90
C ARG B 620 19.51 6.47 -4.55
N HIS B 621 19.43 7.79 -4.42
CA HIS B 621 20.60 8.57 -4.02
C HIS B 621 20.55 8.79 -2.53
N ALA B 622 20.44 7.69 -1.81
CA ALA B 622 20.38 7.73 -0.37
C ALA B 622 21.65 8.39 0.13
N ASN B 623 22.76 7.87 -0.37
CA ASN B 623 24.08 8.04 0.22
C ASN B 623 24.51 9.48 0.41
N VAL B 624 24.28 10.31 -0.62
CA VAL B 624 24.69 11.71 -0.58
C VAL B 624 24.06 12.44 0.58
N MET B 625 22.75 12.29 0.78
CA MET B 625 22.05 12.96 1.86
C MET B 625 22.51 12.49 3.21
N LEU B 626 22.80 11.20 3.32
CA LEU B 626 23.25 10.64 4.58
C LEU B 626 24.65 11.11 4.92
N ASN B 627 25.54 11.16 3.93
CA ASN B 627 26.90 11.67 4.13
C ASN B 627 26.93 13.14 4.53
N LEU B 628 26.16 13.96 3.84
CA LEU B 628 26.03 15.36 4.17
C LEU B 628 25.58 15.48 5.61
N PHE B 629 24.59 14.68 6.00
CA PHE B 629 24.09 14.72 7.36
C PHE B 629 25.12 14.18 8.31
N SER B 630 25.83 13.13 7.89
CA SER B 630 26.88 12.51 8.69
C SER B 630 27.79 13.58 9.22
N LEU B 631 27.87 14.67 8.46
CA LEU B 631 28.78 15.77 8.79
C LEU B 631 28.08 16.96 9.44
N MET B 632 26.78 16.84 9.74
CA MET B 632 26.10 17.93 10.43
C MET B 632 25.91 17.65 11.91
N VAL B 633 26.47 16.54 12.39
CA VAL B 633 26.34 16.15 13.78
C VAL B 633 26.81 17.24 14.75
N ASP B 634 27.98 17.80 14.49
CA ASP B 634 28.60 18.77 15.37
C ASP B 634 28.26 20.20 14.94
N ALA B 635 27.24 20.31 14.08
CA ALA B 635 27.01 21.51 13.26
C ALA B 635 26.46 22.76 13.92
N THR B 636 25.70 22.62 15.01
CA THR B 636 25.12 23.79 15.68
C THR B 636 23.73 24.17 15.14
N VAL B 637 23.13 23.30 14.33
CA VAL B 637 21.70 23.43 14.04
C VAL B 637 20.97 23.09 15.34
N PRO B 638 20.07 23.99 15.81
CA PRO B 638 19.42 23.75 17.11
C PRO B 638 18.85 22.33 17.25
N ASP B 639 18.16 21.86 16.21
CA ASP B 639 17.45 20.58 16.23
C ASP B 639 18.33 19.33 16.20
N ILE B 640 19.49 19.43 15.56
CA ILE B 640 20.48 18.36 15.58
C ILE B 640 21.12 18.26 16.96
N ALA B 641 21.39 19.42 17.57
CA ALA B 641 22.05 19.51 18.88
C ALA B 641 21.37 18.75 20.03
N LEU B 642 20.05 18.57 19.93
CA LEU B 642 19.26 17.93 21.00
C LEU B 642 19.52 16.43 21.06
N GLU B 643 19.41 15.77 19.90
CA GLU B 643 19.77 14.36 19.76
C GLU B 643 20.66 14.18 18.52
N PRO B 644 21.91 14.69 18.57
CA PRO B 644 22.84 14.70 17.44
C PRO B 644 23.16 13.33 16.92
N ASP B 645 23.63 12.46 17.81
CA ASP B 645 23.85 11.07 17.47
C ASP B 645 22.63 10.53 16.71
N LYS B 646 21.45 10.57 17.35
CA LYS B 646 20.16 10.14 16.76
C LYS B 646 19.81 10.81 15.42
N ALA B 647 20.20 12.08 15.28
CA ALA B 647 19.76 12.98 14.20
C ALA B 647 19.91 12.46 12.77
N VAL B 648 21.00 11.73 12.51
CA VAL B 648 21.22 11.14 11.19
C VAL B 648 20.21 10.02 10.92
N LYS B 649 19.91 9.23 11.96
CA LYS B 649 18.99 8.12 11.85
C LYS B 649 17.58 8.52 11.42
N LYS B 650 17.12 9.67 11.92
CA LYS B 650 15.75 10.14 11.61
C LYS B 650 15.53 10.37 10.11
N VAL B 651 16.52 10.94 9.43
CA VAL B 651 16.38 11.13 7.99
C VAL B 651 16.32 9.76 7.32
N GLU B 652 17.18 8.85 7.76
CA GLU B 652 17.27 7.52 7.16
C GLU B 652 16.04 6.63 7.41
N GLU B 653 15.39 6.85 8.56
CA GLU B 653 14.12 6.20 8.90
C GLU B 653 13.07 6.58 7.88
N ASN B 654 12.96 7.88 7.59
CA ASN B 654 12.00 8.38 6.61
C ASN B 654 12.25 7.78 5.25
N LEU B 655 13.51 7.45 4.97
CA LEU B 655 13.88 6.86 3.69
C LEU B 655 13.40 5.42 3.54
N GLN B 656 13.33 4.67 4.64
CA GLN B 656 12.78 3.30 4.63
C GLN B 656 13.53 2.45 3.62
N LEU B 657 14.84 2.55 3.66
CA LEU B 657 15.70 1.87 2.70
C LEU B 657 15.54 0.35 2.79
N GLY B 658 15.16 -0.12 3.97
CA GLY B 658 14.89 -1.53 4.21
C GLY B 658 13.87 -2.14 3.26
N LEU B 659 12.87 -1.35 2.90
CA LEU B 659 11.80 -1.87 2.05
C LEU B 659 12.26 -2.04 0.60
N THR B 660 11.75 -3.08 -0.04
CA THR B 660 11.76 -3.17 -1.49
C THR B 660 10.82 -2.07 -1.97
N ASP B 661 10.94 -1.70 -3.24
CA ASP B 661 10.25 -0.54 -3.77
C ASP B 661 8.73 -0.59 -3.63
N GLU B 662 8.08 -1.66 -4.10
CA GLU B 662 6.63 -1.78 -3.93
C GLU B 662 6.23 -1.50 -2.49
N GLU B 663 6.96 -2.09 -1.55
CA GLU B 663 6.67 -1.91 -0.13
C GLU B 663 6.79 -0.45 0.22
N ALA B 664 7.84 0.20 -0.32
CA ALA B 664 8.14 1.61 -0.04
C ALA B 664 7.03 2.52 -0.49
N VAL B 665 6.51 2.27 -1.70
CA VAL B 665 5.40 3.02 -2.26
C VAL B 665 4.16 2.81 -1.39
N GLN B 666 3.95 1.57 -0.95
CA GLN B 666 2.81 1.26 -0.11
C GLN B 666 2.88 2.11 1.14
N HIS B 667 4.06 2.14 1.75
CA HIS B 667 4.26 2.87 2.98
C HIS B 667 3.86 4.33 2.85
N LEU B 668 4.33 4.96 1.78
CA LEU B 668 4.07 6.36 1.53
C LEU B 668 2.58 6.59 1.23
N GLN B 669 1.97 5.63 0.53
CA GLN B 669 0.54 5.67 0.25
C GLN B 669 -0.20 5.69 1.57
N SER B 670 0.27 4.90 2.52
CA SER B 670 -0.36 4.83 3.83
C SER B 670 -0.43 6.22 4.46
N LEU B 671 0.71 6.90 4.50
CA LEU B 671 0.84 8.16 5.20
C LEU B 671 0.03 9.19 4.50
N LEU B 672 0.01 9.12 3.17
CA LEU B 672 -0.83 10.01 2.36
C LEU B 672 -2.29 9.88 2.73
N ASP B 673 -2.77 8.65 2.83
CA ASP B 673 -4.18 8.38 3.14
C ASP B 673 -4.59 8.96 4.49
N VAL B 674 -3.76 8.72 5.51
CA VAL B 674 -4.03 9.22 6.86
C VAL B 674 -4.14 10.74 6.84
N SER B 675 -3.18 11.37 6.19
CA SER B 675 -3.09 12.80 6.24
C SER B 675 -4.26 13.41 5.50
N ILE B 676 -4.59 12.88 4.34
CA ILE B 676 -5.73 13.37 3.55
C ILE B 676 -7.09 13.17 4.26
N THR B 677 -7.31 11.99 4.84
CA THR B 677 -8.57 11.70 5.52
C THR B 677 -8.77 12.64 6.69
N ALA B 678 -7.70 12.84 7.47
CA ALA B 678 -7.74 13.73 8.63
C ALA B 678 -8.24 15.09 8.21
N VAL B 679 -7.65 15.64 7.17
CA VAL B 679 -7.97 16.99 6.75
C VAL B 679 -9.38 17.14 6.17
N MET B 680 -9.80 16.18 5.34
CA MET B 680 -11.12 16.28 4.74
C MET B 680 -12.22 16.01 5.77
N PRO B 681 -13.34 16.75 5.69
CA PRO B 681 -14.43 16.59 6.63
C PRO B 681 -15.36 15.43 6.22
N ALA B 682 -15.43 15.14 4.92
CA ALA B 682 -16.29 14.08 4.37
C ALA B 682 -15.78 12.68 4.68
N LEU B 683 -14.46 12.50 4.63
CA LEU B 683 -13.82 11.21 4.89
C LEU B 683 -13.81 10.89 6.36
N VAL B 684 -13.79 11.94 7.20
CA VAL B 684 -13.87 11.76 8.64
C VAL B 684 -15.25 11.22 9.01
N GLU B 685 -16.29 11.69 8.32
CA GLU B 685 -17.68 11.32 8.61
C GLU B 685 -17.92 9.88 8.18
N GLN B 686 -17.28 9.50 7.09
CA GLN B 686 -17.35 8.13 6.58
C GLN B 686 -16.68 7.17 7.55
N ILE B 687 -15.55 7.56 8.14
CA ILE B 687 -14.88 6.72 9.11
C ILE B 687 -15.77 6.51 10.32
N HIS B 688 -16.55 7.53 10.67
CA HIS B 688 -17.41 7.45 11.82
C HIS B 688 -18.54 6.46 11.58
N ARG B 689 -19.06 6.42 10.36
CA ARG B 689 -20.12 5.48 10.01
C ARG B 689 -19.62 4.04 10.07
N PHE B 690 -18.33 3.83 9.83
CA PHE B 690 -17.76 2.49 9.85
C PHE B 690 -17.57 2.00 11.27
N THR B 691 -17.08 2.89 12.16
CA THR B 691 -16.99 2.58 13.60
C THR B 691 -18.37 2.19 14.06
N GLN B 692 -19.32 3.05 13.73
CA GLN B 692 -20.72 2.90 14.08
C GLN B 692 -21.19 1.51 13.77
N TYR B 693 -20.78 1.01 12.61
CA TYR B 693 -21.25 -0.26 12.10
C TYR B 693 -20.98 -1.47 13.01
N TRP B 694 -19.83 -1.54 13.68
CA TRP B 694 -19.55 -2.72 14.51
C TRP B 694 -20.23 -2.69 15.87
N ARG B 695 -20.53 -1.49 16.33
CA ARG B 695 -21.25 -1.25 17.56
C ARG B 695 -22.75 -1.57 17.39
N LYS B 696 -23.37 -2.17 18.42
CA LYS B 696 -24.84 -2.36 18.50
C LYS B 696 -25.25 -3.19 19.72
#